data_7YJA
#
_entry.id   7YJA
#
_cell.length_a   77.763
_cell.length_b   72.374
_cell.length_c   83.492
_cell.angle_alpha   90.000
_cell.angle_beta   97.370
_cell.angle_gamma   90.000
#
_symmetry.space_group_name_H-M   'P 1 21 1'
#
loop_
_entity.id
_entity.type
_entity.pdbx_description
1 polymer 'chalcone synthase 1 (ScCHS1)'
2 non-polymer pinocembrin
3 non-polymer 'COENZYME A'
4 water water
#
_entity_poly.entity_id   1
_entity_poly.type   'polypeptide(L)'
_entity_poly.pdbx_seq_one_letter_code
;MASATIPAPAPRKMERAEGPASVLAIGTAVPPNVVYQKDYPDFYFGVTNSNHKTELKDKFQRMCDKSCVSKRHLYLTEEI
LKANPSLCAYWEPSLDLRQDIVVVEVPKLGKQAASAAIKEWGQPKSKITHLIFCTTSGVDMPGADWALAKLLGLRSSVKR
LVLYMQGCYGGGTVLRIAKDLAENNKGARVLVVCSEITAITFRGPSDTHLDSLVGQALFGDGASALIVGSDPVPAVERAW
FELHWTGSDILPNSDGAIDGHLKEVGLTFHLMKDVPAIISKNIGGILKDALAKVFPAAHDQLDSSGTTAAAPPPPTYNDL
FWITHPGGPAILDQVEDRLGLRKDKLASTRAVLDQFGNMSSATVLFIMDEMRKRSVEQQLGTTGEGHEWGLLLGFGPGLT
CETVVLRSVPLV
;
_entity_poly.pdbx_strand_id   A,B
#
loop_
_chem_comp.id
_chem_comp.type
_chem_comp.name
_chem_comp.formula
COA non-polymer 'COENZYME A' 'C21 H36 N7 O16 P3 S'
KML non-polymer pinocembrin 'C15 H12 O4'
#
# COMPACT_ATOMS: atom_id res chain seq x y z
N PRO A 11 3.08 -21.37 22.13
CA PRO A 11 1.84 -21.87 21.54
C PRO A 11 1.05 -20.75 20.92
N ARG A 12 1.47 -20.33 19.74
CA ARG A 12 0.99 -19.15 19.14
C ARG A 12 -0.44 -19.28 18.79
N LYS A 13 -1.13 -18.18 18.84
CA LYS A 13 -2.48 -18.14 18.39
C LYS A 13 -2.60 -18.19 16.87
N MET A 14 -1.58 -17.74 16.17
CA MET A 14 -1.38 -18.06 14.76
C MET A 14 -0.04 -18.75 14.58
N GLU A 15 -0.08 -20.01 14.21
CA GLU A 15 1.12 -20.77 13.92
C GLU A 15 1.87 -20.17 12.76
N ARG A 16 3.18 -20.18 12.86
CA ARG A 16 4.01 -19.74 11.77
C ARG A 16 4.61 -20.90 10.99
N ALA A 17 5.23 -20.57 9.89
CA ALA A 17 5.87 -21.53 9.04
C ALA A 17 7.37 -21.64 9.32
N GLU A 18 8.02 -22.64 8.76
CA GLU A 18 9.40 -22.95 9.10
C GLU A 18 10.37 -22.54 7.99
N GLY A 19 10.15 -23.03 6.80
CA GLY A 19 11.11 -22.87 5.74
C GLY A 19 11.00 -21.52 5.08
N PRO A 20 11.95 -21.25 4.19
CA PRO A 20 11.97 -19.95 3.50
C PRO A 20 10.79 -19.78 2.55
N ALA A 21 10.25 -18.56 2.52
CA ALA A 21 9.25 -18.20 1.54
C ALA A 21 9.74 -18.53 0.14
N SER A 22 8.88 -19.19 -0.64
CA SER A 22 9.30 -19.75 -1.91
C SER A 22 8.35 -19.32 -3.01
N VAL A 23 8.91 -18.99 -4.17
CA VAL A 23 8.09 -18.77 -5.36
C VAL A 23 7.67 -20.13 -5.90
N LEU A 24 6.36 -20.38 -5.91
CA LEU A 24 5.82 -21.70 -6.30
C LEU A 24 5.20 -21.72 -7.70
N ALA A 25 5.09 -20.58 -8.36
CA ALA A 25 4.43 -20.40 -9.66
C ALA A 25 4.61 -18.95 -10.08
N ILE A 26 4.70 -18.74 -11.39
CA ILE A 26 4.74 -17.40 -12.00
C ILE A 26 3.89 -17.40 -13.26
N GLY A 27 2.99 -16.43 -13.37
CA GLY A 27 2.27 -16.19 -14.60
C GLY A 27 2.47 -14.76 -15.06
N THR A 28 2.35 -14.56 -16.37
CA THR A 28 2.46 -13.21 -16.91
C THR A 28 1.36 -13.00 -17.92
N ALA A 29 1.14 -11.72 -18.28
CA ALA A 29 0.10 -11.37 -19.24
C ALA A 29 0.44 -9.99 -19.78
N VAL A 30 0.21 -9.80 -21.09
CA VAL A 30 0.42 -8.50 -21.71
C VAL A 30 -0.81 -8.14 -22.52
N PRO A 31 -1.10 -6.86 -22.74
CA PRO A 31 -2.09 -6.51 -23.73
C PRO A 31 -1.69 -7.04 -25.08
N PRO A 32 -2.66 -7.44 -25.92
CA PRO A 32 -2.29 -8.03 -27.21
C PRO A 32 -1.72 -7.06 -28.24
N ASN A 33 -1.92 -5.74 -28.10
CA ASN A 33 -1.46 -4.78 -29.11
C ASN A 33 0.05 -4.60 -28.99
N VAL A 34 0.79 -5.08 -29.98
CA VAL A 34 2.25 -4.98 -29.97
C VAL A 34 2.66 -3.77 -30.79
N VAL A 35 3.52 -2.94 -30.22
CA VAL A 35 4.09 -1.81 -30.95
C VAL A 35 5.58 -2.04 -31.10
N TYR A 36 6.03 -2.14 -32.35
CA TYR A 36 7.45 -2.31 -32.64
C TYR A 36 8.15 -0.98 -32.52
N GLN A 37 9.27 -0.96 -31.81
CA GLN A 37 9.97 0.28 -31.54
C GLN A 37 10.43 0.99 -32.80
N LYS A 38 10.75 0.23 -33.86
CA LYS A 38 11.12 0.87 -35.12
C LYS A 38 10.01 1.79 -35.62
N ASP A 39 8.75 1.43 -35.37
CA ASP A 39 7.58 2.17 -35.83
C ASP A 39 7.06 3.19 -34.82
N TYR A 40 7.61 3.25 -33.62
CA TYR A 40 6.94 4.03 -32.58
C TYR A 40 7.07 5.54 -32.77
N PRO A 41 8.24 6.08 -33.10
CA PRO A 41 8.32 7.55 -33.32
C PRO A 41 7.35 8.06 -34.38
N ASP A 42 7.26 7.38 -35.52
CA ASP A 42 6.28 7.78 -36.54
C ASP A 42 4.87 7.70 -35.97
N PHE A 43 4.54 6.56 -35.37
CA PHE A 43 3.25 6.40 -34.72
C PHE A 43 3.05 7.44 -33.62
N TYR A 44 3.98 7.53 -32.67
CA TYR A 44 3.75 8.37 -31.49
C TYR A 44 3.62 9.85 -31.85
N PHE A 45 4.44 10.33 -32.79
CA PHE A 45 4.37 11.74 -33.16
C PHE A 45 3.22 12.03 -34.11
N GLY A 46 2.79 11.05 -34.90
CA GLY A 46 1.62 11.26 -35.74
C GLY A 46 0.34 11.32 -34.93
N VAL A 47 0.13 10.31 -34.07
CA VAL A 47 -1.11 10.24 -33.31
C VAL A 47 -1.24 11.40 -32.32
N THR A 48 -0.14 12.07 -31.97
CA THR A 48 -0.23 13.25 -31.11
C THR A 48 -0.10 14.54 -31.90
N ASN A 49 -0.22 14.47 -33.22
CA ASN A 49 -0.28 15.64 -34.10
C ASN A 49 0.91 16.56 -33.84
N SER A 50 2.09 15.96 -33.74
CA SER A 50 3.32 16.68 -33.41
C SER A 50 4.41 16.50 -34.46
N ASN A 51 4.09 15.94 -35.63
CA ASN A 51 5.11 15.68 -36.65
C ASN A 51 5.80 16.96 -37.12
N HIS A 52 5.18 18.12 -36.93
CA HIS A 52 5.81 19.37 -37.31
C HIS A 52 7.02 19.70 -36.43
N LYS A 53 7.05 19.21 -35.20
CA LYS A 53 8.16 19.56 -34.30
C LYS A 53 9.33 18.62 -34.59
N THR A 54 10.04 18.88 -35.65
CA THR A 54 10.93 17.90 -36.23
C THR A 54 12.19 17.69 -35.37
N GLU A 55 12.58 18.72 -34.66
CA GLU A 55 13.61 18.62 -33.65
C GLU A 55 13.29 17.71 -32.50
N LEU A 56 12.14 17.88 -31.89
CA LEU A 56 11.68 17.01 -30.84
C LEU A 56 11.66 15.58 -31.31
N LYS A 57 11.05 15.36 -32.46
CA LYS A 57 10.98 14.04 -32.99
C LYS A 57 12.33 13.40 -33.22
N ASP A 58 13.33 14.14 -33.72
CA ASP A 58 14.64 13.54 -33.93
C ASP A 58 15.25 13.11 -32.61
N LYS A 59 15.09 13.93 -31.60
CA LYS A 59 15.45 13.56 -30.25
C LYS A 59 14.74 12.30 -29.75
N PHE A 60 13.45 12.19 -29.98
CA PHE A 60 12.75 10.96 -29.66
C PHE A 60 13.19 9.79 -30.49
N GLN A 61 13.56 10.02 -31.73
CA GLN A 61 14.08 8.91 -32.53
C GLN A 61 15.35 8.34 -31.93
N ARG A 62 16.23 9.20 -31.38
CA ARG A 62 17.49 8.70 -30.88
C ARG A 62 17.33 8.03 -29.52
N MET A 63 16.39 8.50 -28.70
CA MET A 63 16.03 7.77 -27.49
C MET A 63 15.54 6.37 -27.84
N CYS A 64 14.60 6.28 -28.80
CA CYS A 64 14.11 4.98 -29.21
C CYS A 64 15.22 4.14 -29.83
N ASP A 65 16.08 4.78 -30.65
CA ASP A 65 17.20 4.07 -31.28
C ASP A 65 18.11 3.41 -30.26
N LYS A 66 18.30 4.05 -29.10
CA LYS A 66 19.22 3.56 -28.07
C LYS A 66 18.50 2.86 -26.92
N SER A 67 17.18 2.75 -26.98
CA SER A 67 16.41 2.27 -25.84
C SER A 67 16.63 0.79 -25.56
N CYS A 68 17.15 0.04 -26.52
CA CYS A 68 17.28 -1.42 -26.41
C CYS A 68 15.93 -2.05 -26.08
N VAL A 69 14.86 -1.42 -26.59
CA VAL A 69 13.53 -1.99 -26.60
C VAL A 69 13.19 -2.28 -28.05
N SER A 70 12.86 -3.55 -28.35
CA SER A 70 12.44 -3.92 -29.69
C SER A 70 10.93 -3.82 -29.85
N LYS A 71 10.18 -4.17 -28.80
CA LYS A 71 8.74 -4.09 -28.88
C LYS A 71 8.17 -3.91 -27.49
N ARG A 72 6.95 -3.40 -27.44
CA ARG A 72 6.17 -3.37 -26.21
C ARG A 72 4.72 -3.67 -26.52
N HIS A 73 4.04 -4.17 -25.52
CA HIS A 73 2.61 -4.44 -25.57
C HIS A 73 1.88 -3.30 -24.87
N LEU A 74 0.89 -2.73 -25.55
CA LEU A 74 0.26 -1.51 -25.09
C LEU A 74 -1.25 -1.68 -25.12
N TYR A 75 -1.90 -1.37 -24.00
CA TYR A 75 -3.36 -1.27 -23.98
C TYR A 75 -3.83 -0.24 -25.00
N LEU A 76 -3.20 0.92 -25.01
CA LEU A 76 -3.63 1.99 -25.90
C LEU A 76 -3.37 1.60 -27.35
N THR A 77 -4.41 1.65 -28.14
CA THR A 77 -4.34 1.46 -29.58
C THR A 77 -4.49 2.80 -30.27
N GLU A 78 -4.23 2.81 -31.58
CA GLU A 78 -4.55 3.99 -32.36
C GLU A 78 -6.04 4.32 -32.23
N GLU A 79 -6.88 3.29 -32.25
CA GLU A 79 -8.33 3.53 -32.20
C GLU A 79 -8.73 4.17 -30.88
N ILE A 80 -8.22 3.64 -29.75
CA ILE A 80 -8.57 4.23 -28.46
C ILE A 80 -8.08 5.68 -28.37
N LEU A 81 -6.87 5.93 -28.89
CA LEU A 81 -6.31 7.28 -28.83
C LEU A 81 -7.13 8.27 -29.68
N LYS A 82 -7.48 7.89 -30.90
CA LYS A 82 -8.25 8.80 -31.73
C LYS A 82 -9.66 9.00 -31.21
N ALA A 83 -10.18 8.05 -30.42
CA ALA A 83 -11.45 8.23 -29.76
C ALA A 83 -11.37 9.12 -28.52
N ASN A 84 -10.18 9.28 -27.95
CA ASN A 84 -9.98 10.06 -26.73
C ASN A 84 -8.93 11.11 -26.98
N PRO A 85 -9.28 12.21 -27.66
CA PRO A 85 -8.28 13.22 -28.04
C PRO A 85 -7.52 13.82 -26.85
N SER A 86 -8.09 13.82 -25.65
CA SER A 86 -7.44 14.48 -24.52
C SER A 86 -6.19 13.73 -24.05
N LEU A 87 -6.06 12.45 -24.38
CA LEU A 87 -4.82 11.74 -24.09
C LEU A 87 -3.71 12.10 -25.07
N CYS A 88 -4.07 12.49 -26.30
CA CYS A 88 -3.08 12.79 -27.32
C CYS A 88 -2.46 14.16 -27.15
N ALA A 89 -3.12 15.04 -26.42
CA ALA A 89 -2.47 16.31 -26.20
C ALA A 89 -1.49 16.17 -25.05
N TYR A 90 -0.71 17.22 -24.84
CA TYR A 90 0.36 17.10 -23.89
C TYR A 90 -0.08 17.38 -22.46
N TRP A 91 -0.94 18.38 -22.25
CA TRP A 91 -1.34 18.81 -20.92
C TRP A 91 -2.82 19.19 -20.87
N GLU A 92 -3.68 18.23 -21.13
CA GLU A 92 -5.11 18.38 -21.04
C GLU A 92 -5.66 17.61 -19.86
N PRO A 93 -6.75 18.07 -19.27
CA PRO A 93 -7.35 17.37 -18.16
C PRO A 93 -7.87 16.04 -18.62
N SER A 94 -7.59 14.99 -17.88
CA SER A 94 -7.66 13.66 -18.41
C SER A 94 -7.60 12.56 -17.38
N LEU A 95 -7.45 12.91 -16.12
CA LEU A 95 -7.36 11.93 -15.09
C LEU A 95 -8.59 11.07 -14.99
N ASP A 96 -9.76 11.67 -15.07
CA ASP A 96 -10.96 10.91 -14.90
C ASP A 96 -11.08 9.84 -15.95
N LEU A 97 -10.81 10.19 -17.19
CA LEU A 97 -10.79 9.20 -18.28
C LEU A 97 -9.68 8.18 -18.07
N ARG A 98 -8.48 8.61 -17.67
CA ARG A 98 -7.39 7.67 -17.44
C ARG A 98 -7.77 6.68 -16.36
N GLN A 99 -8.32 7.18 -15.25
CA GLN A 99 -8.77 6.33 -14.15
C GLN A 99 -9.85 5.36 -14.60
N ASP A 100 -10.87 5.87 -15.30
CA ASP A 100 -11.95 5.00 -15.77
C ASP A 100 -11.39 3.83 -16.54
N ILE A 101 -10.26 4.03 -17.22
CA ILE A 101 -9.62 2.95 -17.95
C ILE A 101 -8.86 2.02 -17.02
N VAL A 102 -7.89 2.54 -16.27
CA VAL A 102 -6.96 1.64 -15.59
C VAL A 102 -7.53 1.04 -14.33
N VAL A 103 -8.55 1.66 -13.73
CA VAL A 103 -9.23 1.05 -12.59
C VAL A 103 -9.85 -0.28 -12.98
N VAL A 104 -10.24 -0.42 -14.25
CA VAL A 104 -10.80 -1.67 -14.81
C VAL A 104 -9.70 -2.56 -15.38
N GLU A 105 -8.83 -1.99 -16.21
CA GLU A 105 -7.92 -2.80 -17.02
C GLU A 105 -6.70 -3.29 -16.22
N VAL A 106 -6.28 -2.57 -15.19
CA VAL A 106 -5.18 -3.02 -14.35
C VAL A 106 -5.60 -4.32 -13.63
N PRO A 107 -6.71 -4.36 -12.87
CA PRO A 107 -7.10 -5.66 -12.28
C PRO A 107 -7.36 -6.76 -13.29
N LYS A 108 -7.93 -6.42 -14.46
CA LYS A 108 -8.24 -7.43 -15.48
C LYS A 108 -6.96 -8.05 -16.04
N LEU A 109 -5.97 -7.22 -16.36
CA LEU A 109 -4.70 -7.77 -16.83
C LEU A 109 -4.05 -8.61 -15.73
N GLY A 110 -4.15 -8.16 -14.48
CA GLY A 110 -3.60 -8.94 -13.38
C GLY A 110 -4.32 -10.26 -13.19
N LYS A 111 -5.62 -10.30 -13.50
CA LYS A 111 -6.36 -11.54 -13.36
C LYS A 111 -5.89 -12.57 -14.39
N GLN A 112 -5.62 -12.12 -15.63
CA GLN A 112 -5.03 -13.03 -16.60
C GLN A 112 -3.72 -13.62 -16.08
N ALA A 113 -2.85 -12.78 -15.51
CA ALA A 113 -1.58 -13.30 -15.02
C ALA A 113 -1.80 -14.22 -13.83
N ALA A 114 -2.75 -13.89 -12.97
CA ALA A 114 -2.99 -14.71 -11.78
C ALA A 114 -3.57 -16.07 -12.15
N SER A 115 -4.50 -16.12 -13.11
CA SER A 115 -5.02 -17.41 -13.54
C SER A 115 -3.90 -18.32 -14.05
N ALA A 116 -2.96 -17.77 -14.80
CA ALA A 116 -1.86 -18.60 -15.30
C ALA A 116 -0.96 -19.09 -14.14
N ALA A 117 -0.72 -18.25 -13.14
CA ALA A 117 0.05 -18.70 -11.98
C ALA A 117 -0.70 -19.78 -11.19
N ILE A 118 -2.01 -19.60 -11.00
CA ILE A 118 -2.80 -20.58 -10.24
C ILE A 118 -2.85 -21.90 -10.97
N LYS A 119 -3.08 -21.85 -12.28
CA LYS A 119 -3.10 -23.05 -13.10
C LYS A 119 -1.77 -23.83 -12.99
N GLU A 120 -0.63 -23.12 -13.07
CA GLU A 120 0.66 -23.79 -12.95
C GLU A 120 0.83 -24.40 -11.56
N TRP A 121 0.45 -23.63 -10.55
CA TRP A 121 0.61 -24.06 -9.17
C TRP A 121 -0.09 -25.39 -8.91
N GLY A 122 -1.34 -25.51 -9.37
CA GLY A 122 -2.00 -26.80 -9.41
C GLY A 122 -3.04 -27.02 -8.34
N GLN A 123 -3.13 -26.15 -7.34
CA GLN A 123 -4.02 -26.10 -6.21
C GLN A 123 -5.25 -25.24 -6.50
N PRO A 124 -6.39 -25.58 -5.90
CA PRO A 124 -7.57 -24.73 -6.08
C PRO A 124 -7.32 -23.33 -5.56
N LYS A 125 -7.96 -22.35 -6.22
CA LYS A 125 -7.72 -20.95 -5.88
C LYS A 125 -8.11 -20.63 -4.44
N SER A 126 -8.93 -21.45 -3.80
CA SER A 126 -9.36 -21.15 -2.43
C SER A 126 -8.25 -21.40 -1.41
N LYS A 127 -7.17 -22.10 -1.78
CA LYS A 127 -6.02 -22.18 -0.88
C LYS A 127 -5.23 -20.87 -0.81
N ILE A 128 -5.57 -19.88 -1.64
CA ILE A 128 -4.93 -18.57 -1.55
C ILE A 128 -5.47 -17.83 -0.32
N THR A 129 -4.58 -17.54 0.61
CA THR A 129 -4.94 -16.94 1.89
C THR A 129 -4.61 -15.47 1.99
N HIS A 130 -3.64 -14.99 1.20
CA HIS A 130 -3.22 -13.59 1.18
C HIS A 130 -3.08 -13.11 -0.26
N LEU A 131 -3.27 -11.82 -0.45
CA LEU A 131 -3.08 -11.22 -1.76
C LEU A 131 -2.40 -9.86 -1.59
N ILE A 132 -1.41 -9.61 -2.42
CA ILE A 132 -0.76 -8.31 -2.51
C ILE A 132 -0.94 -7.84 -3.95
N PHE A 133 -1.54 -6.67 -4.12
CA PHE A 133 -1.71 -6.11 -5.45
C PHE A 133 -0.92 -4.81 -5.52
N CYS A 134 -0.05 -4.70 -6.53
CA CYS A 134 0.87 -3.58 -6.67
C CYS A 134 0.69 -2.96 -8.03
N THR A 135 0.59 -1.64 -8.06
CA THR A 135 0.46 -0.95 -9.34
C THR A 135 0.89 0.50 -9.19
N THR A 136 1.28 1.06 -10.32
CA THR A 136 1.55 2.49 -10.45
C THR A 136 0.47 3.17 -11.26
N SER A 137 -0.57 2.45 -11.67
CA SER A 137 -1.53 2.86 -12.70
C SER A 137 -2.91 2.98 -12.08
N GLY A 138 -3.21 4.13 -11.49
CA GLY A 138 -4.54 4.40 -11.01
C GLY A 138 -4.75 3.98 -9.57
N VAL A 139 -5.79 4.55 -8.95
CA VAL A 139 -6.18 4.28 -7.57
C VAL A 139 -7.71 4.33 -7.48
N ASP A 140 -8.25 3.64 -6.47
CA ASP A 140 -9.69 3.52 -6.31
C ASP A 140 -9.99 2.91 -4.95
N MET A 141 -11.22 3.12 -4.47
CA MET A 141 -11.72 2.41 -3.27
C MET A 141 -13.11 1.82 -3.56
N PRO A 142 -13.29 0.51 -3.37
CA PRO A 142 -12.27 -0.49 -3.05
C PRO A 142 -11.22 -0.57 -4.17
N GLY A 143 -10.07 -1.16 -3.88
CA GLY A 143 -8.89 -1.03 -4.73
C GLY A 143 -8.77 -2.16 -5.72
N ALA A 144 -7.66 -2.11 -6.47
CA ALA A 144 -7.38 -3.13 -7.47
C ALA A 144 -7.28 -4.51 -6.84
N ASP A 145 -6.85 -4.57 -5.57
CA ASP A 145 -6.80 -5.86 -4.88
C ASP A 145 -8.19 -6.45 -4.70
N TRP A 146 -9.16 -5.62 -4.32
CA TRP A 146 -10.55 -6.05 -4.21
C TRP A 146 -11.10 -6.48 -5.57
N ALA A 147 -10.89 -5.66 -6.60
CA ALA A 147 -11.39 -6.01 -7.92
C ALA A 147 -10.79 -7.32 -8.41
N LEU A 148 -9.50 -7.55 -8.12
CA LEU A 148 -8.89 -8.81 -8.55
C LEU A 148 -9.49 -10.01 -7.81
N ALA A 149 -9.65 -9.91 -6.48
CA ALA A 149 -10.28 -10.99 -5.73
C ALA A 149 -11.67 -11.30 -6.26
N LYS A 150 -12.43 -10.26 -6.62
CA LYS A 150 -13.74 -10.47 -7.22
C LYS A 150 -13.63 -11.21 -8.55
N LEU A 151 -12.77 -10.74 -9.45
CA LEU A 151 -12.63 -11.36 -10.78
C LEU A 151 -12.27 -12.84 -10.67
N LEU A 152 -11.41 -13.20 -9.71
CA LEU A 152 -10.94 -14.58 -9.59
C LEU A 152 -11.89 -15.46 -8.80
N GLY A 153 -12.77 -14.87 -7.98
CA GLY A 153 -13.54 -15.65 -7.03
C GLY A 153 -12.76 -16.17 -5.84
N LEU A 154 -11.79 -15.40 -5.34
CA LEU A 154 -11.08 -15.77 -4.12
C LEU A 154 -12.01 -15.77 -2.92
N ARG A 155 -11.66 -16.55 -1.91
CA ARG A 155 -12.48 -16.62 -0.70
C ARG A 155 -12.64 -15.23 -0.13
N SER A 156 -13.77 -15.01 0.54
CA SER A 156 -14.11 -13.67 0.99
C SER A 156 -13.17 -13.21 2.10
N SER A 157 -12.50 -14.14 2.77
CA SER A 157 -11.61 -13.85 3.89
C SER A 157 -10.14 -13.77 3.48
N VAL A 158 -9.83 -13.70 2.18
CA VAL A 158 -8.45 -13.48 1.79
C VAL A 158 -7.97 -12.16 2.39
N LYS A 159 -6.78 -12.18 2.96
CA LYS A 159 -6.19 -10.99 3.55
C LYS A 159 -5.48 -10.20 2.46
N ARG A 160 -5.99 -9.02 2.15
CA ARG A 160 -5.57 -8.25 0.98
C ARG A 160 -4.71 -7.08 1.39
N LEU A 161 -4.03 -6.52 0.38
CA LEU A 161 -3.14 -5.40 0.57
C LEU A 161 -2.92 -4.78 -0.80
N VAL A 162 -3.23 -3.49 -0.95
CA VAL A 162 -3.02 -2.81 -2.23
C VAL A 162 -1.91 -1.78 -2.05
N LEU A 163 -0.90 -1.89 -2.90
CA LEU A 163 0.27 -1.03 -2.88
C LEU A 163 0.14 -0.11 -4.08
N TYR A 164 -0.36 1.09 -3.83
CA TYR A 164 -0.60 2.04 -4.90
C TYR A 164 0.59 2.99 -5.04
N MET A 165 0.72 3.55 -6.24
CA MET A 165 1.68 4.63 -6.49
C MET A 165 3.10 4.25 -6.04
N GLN A 166 3.50 3.02 -6.34
CA GLN A 166 4.82 2.55 -5.90
C GLN A 166 5.92 3.01 -6.87
N GLY A 167 5.81 2.63 -8.13
CA GLY A 167 6.84 2.87 -9.09
C GLY A 167 7.68 1.62 -9.32
N CYS A 168 8.85 1.85 -9.92
CA CYS A 168 9.64 0.75 -10.48
C CYS A 168 10.35 -0.09 -9.43
N TYR A 169 10.38 0.31 -8.15
CA TYR A 169 10.96 -0.56 -7.14
C TYR A 169 9.96 -1.56 -6.58
N GLY A 170 8.71 -1.53 -7.08
CA GLY A 170 7.64 -2.26 -6.44
C GLY A 170 7.76 -3.76 -6.52
N GLY A 171 8.43 -4.28 -7.56
CA GLY A 171 8.68 -5.71 -7.61
C GLY A 171 9.50 -6.22 -6.45
N GLY A 172 10.47 -5.41 -5.98
CA GLY A 172 11.20 -5.78 -4.79
C GLY A 172 10.34 -5.65 -3.55
N THR A 173 9.53 -4.58 -3.50
CA THR A 173 8.68 -4.34 -2.33
C THR A 173 7.72 -5.49 -2.09
N VAL A 174 7.05 -5.98 -3.15
CA VAL A 174 6.04 -7.03 -2.94
C VAL A 174 6.68 -8.29 -2.38
N LEU A 175 7.91 -8.60 -2.81
CA LEU A 175 8.61 -9.76 -2.29
C LEU A 175 9.03 -9.53 -0.84
N ARG A 176 9.50 -8.33 -0.54
CA ARG A 176 9.84 -8.04 0.85
C ARG A 176 8.66 -8.29 1.78
N ILE A 177 7.45 -7.86 1.41
CA ILE A 177 6.29 -8.07 2.27
C ILE A 177 5.82 -9.51 2.21
N ALA A 178 5.76 -10.09 1.00
CA ALA A 178 5.27 -11.46 0.87
C ALA A 178 6.13 -12.44 1.66
N LYS A 179 7.42 -12.17 1.78
CA LYS A 179 8.29 -13.04 2.55
C LYS A 179 7.77 -13.19 3.97
N ASP A 180 7.40 -12.06 4.60
CA ASP A 180 6.94 -12.11 5.98
C ASP A 180 5.53 -12.69 6.11
N LEU A 181 4.63 -12.36 5.17
CA LEU A 181 3.30 -12.98 5.20
C LEU A 181 3.38 -14.50 5.12
N ALA A 182 4.19 -15.01 4.20
CA ALA A 182 4.31 -16.46 4.02
C ALA A 182 5.06 -17.13 5.17
N GLU A 183 6.14 -16.50 5.65
CA GLU A 183 6.96 -17.17 6.67
C GLU A 183 6.29 -17.19 8.04
N ASN A 184 5.51 -16.15 8.37
CA ASN A 184 4.94 -16.01 9.70
C ASN A 184 3.52 -16.55 9.80
N ASN A 185 2.99 -17.17 8.74
CA ASN A 185 1.62 -17.69 8.73
C ASN A 185 1.64 -19.09 8.14
N LYS A 186 1.50 -20.10 9.00
CA LYS A 186 1.62 -21.48 8.54
C LYS A 186 0.51 -21.82 7.55
N GLY A 187 0.91 -22.39 6.42
CA GLY A 187 -0.02 -22.73 5.37
C GLY A 187 -0.41 -21.56 4.50
N ALA A 188 0.07 -20.36 4.78
CA ALA A 188 -0.29 -19.21 3.97
C ALA A 188 0.25 -19.38 2.56
N ARG A 189 -0.59 -19.00 1.59
CA ARG A 189 -0.26 -18.98 0.17
C ARG A 189 -0.61 -17.59 -0.34
N VAL A 190 0.40 -16.82 -0.71
CA VAL A 190 0.23 -15.41 -1.04
C VAL A 190 0.19 -15.28 -2.56
N LEU A 191 -0.93 -14.81 -3.08
CA LEU A 191 -0.99 -14.37 -4.48
C LEU A 191 -0.38 -12.97 -4.59
N VAL A 192 0.62 -12.80 -5.45
CA VAL A 192 1.36 -11.55 -5.59
C VAL A 192 1.19 -11.08 -7.03
N VAL A 193 0.55 -9.91 -7.22
CA VAL A 193 0.29 -9.40 -8.56
C VAL A 193 0.87 -8.00 -8.69
N CYS A 194 1.66 -7.80 -9.75
CA CYS A 194 2.04 -6.47 -10.21
C CYS A 194 1.44 -6.25 -11.59
N SER A 195 0.66 -5.20 -11.73
CA SER A 195 -0.02 -4.92 -13.00
C SER A 195 0.19 -3.45 -13.35
N GLU A 196 0.67 -3.18 -14.56
CA GLU A 196 0.98 -1.81 -14.99
C GLU A 196 0.42 -1.55 -16.38
N ILE A 197 -0.26 -0.41 -16.55
CA ILE A 197 -0.86 -0.04 -17.84
C ILE A 197 -0.60 1.45 -18.09
N THR A 198 0.01 1.75 -19.22
CA THR A 198 0.56 3.10 -19.46
C THR A 198 -0.50 4.14 -19.81
N ALA A 199 -1.78 3.78 -19.91
CA ALA A 199 -2.75 4.83 -20.20
C ALA A 199 -2.79 5.90 -19.10
N ILE A 200 -2.20 5.61 -17.93
CA ILE A 200 -2.17 6.56 -16.83
C ILE A 200 -1.17 7.69 -17.09
N THR A 201 -0.10 7.45 -17.87
CA THR A 201 0.92 8.47 -18.12
C THR A 201 0.98 8.99 -19.54
N PHE A 202 0.45 8.26 -20.51
CA PHE A 202 0.64 8.63 -21.91
C PHE A 202 0.19 10.07 -22.14
N ARG A 203 1.04 10.86 -22.77
CA ARG A 203 0.66 12.20 -23.18
C ARG A 203 1.50 12.61 -24.37
N GLY A 204 1.06 13.68 -25.03
CA GLY A 204 1.80 14.25 -26.12
C GLY A 204 3.18 14.72 -25.70
N PRO A 205 4.04 15.01 -26.68
CA PRO A 205 5.39 15.49 -26.39
C PRO A 205 5.43 17.00 -26.23
N SER A 206 6.37 17.46 -25.40
CA SER A 206 6.63 18.87 -25.24
C SER A 206 8.13 19.09 -25.09
N ASP A 207 8.64 20.14 -25.74
CA ASP A 207 10.08 20.37 -25.73
C ASP A 207 10.59 20.89 -24.38
N THR A 208 9.69 21.14 -23.43
CA THR A 208 10.07 21.59 -22.10
C THR A 208 10.02 20.48 -21.05
N HIS A 209 9.49 19.30 -21.40
CA HIS A 209 9.30 18.17 -20.50
C HIS A 209 9.98 16.94 -21.10
N LEU A 210 11.29 17.05 -21.30
CA LEU A 210 12.00 16.00 -22.02
C LEU A 210 12.22 14.75 -21.19
N ASP A 211 12.04 14.81 -19.87
CA ASP A 211 12.04 13.55 -19.12
C ASP A 211 10.80 12.73 -19.40
N SER A 212 9.67 13.36 -19.75
CA SER A 212 8.48 12.58 -20.08
C SER A 212 8.65 11.88 -21.41
N LEU A 213 9.42 12.48 -22.32
CA LEU A 213 9.73 11.83 -23.59
C LEU A 213 10.48 10.53 -23.37
N VAL A 214 11.35 10.48 -22.35
CA VAL A 214 12.06 9.24 -22.06
C VAL A 214 11.07 8.14 -21.71
N GLY A 215 10.09 8.46 -20.86
CA GLY A 215 9.11 7.47 -20.46
C GLY A 215 8.33 6.93 -21.63
N GLN A 216 8.03 7.79 -22.62
CA GLN A 216 7.37 7.34 -23.83
C GLN A 216 8.24 6.41 -24.67
N ALA A 217 9.57 6.48 -24.51
CA ALA A 217 10.41 5.57 -25.26
C ALA A 217 10.53 4.20 -24.61
N LEU A 218 10.36 4.12 -23.29
CA LEU A 218 10.72 2.95 -22.51
C LEU A 218 9.56 2.18 -21.88
N PHE A 219 8.50 2.86 -21.45
CA PHE A 219 7.47 2.23 -20.63
C PHE A 219 6.49 1.40 -21.46
N GLY A 220 6.13 0.22 -20.94
CA GLY A 220 5.18 -0.65 -21.57
C GLY A 220 4.28 -1.33 -20.54
N ASP A 221 3.36 -2.13 -21.03
CA ASP A 221 2.32 -2.70 -20.18
C ASP A 221 2.60 -4.16 -19.89
N GLY A 222 2.20 -4.60 -18.71
CA GLY A 222 2.24 -6.01 -18.39
C GLY A 222 1.78 -6.25 -16.98
N ALA A 223 1.44 -7.50 -16.71
CA ALA A 223 1.17 -7.94 -15.35
C ALA A 223 1.87 -9.28 -15.13
N SER A 224 2.36 -9.49 -13.91
CA SER A 224 2.93 -10.76 -13.53
C SER A 224 2.36 -11.17 -12.18
N ALA A 225 2.41 -12.47 -11.91
CA ALA A 225 1.76 -13.03 -10.73
C ALA A 225 2.61 -14.16 -10.19
N LEU A 226 2.73 -14.20 -8.86
CA LEU A 226 3.41 -15.29 -8.17
C LEU A 226 2.45 -15.95 -7.19
N ILE A 227 2.72 -17.23 -6.91
CA ILE A 227 2.28 -17.84 -5.66
C ILE A 227 3.50 -17.93 -4.77
N VAL A 228 3.44 -17.29 -3.61
CA VAL A 228 4.54 -17.30 -2.64
C VAL A 228 4.06 -18.05 -1.41
N GLY A 229 4.88 -18.97 -0.93
CA GLY A 229 4.53 -19.72 0.26
C GLY A 229 5.77 -20.40 0.83
N SER A 230 5.72 -20.66 2.13
CA SER A 230 6.72 -21.46 2.82
C SER A 230 6.27 -22.92 2.91
N ASP A 231 7.25 -23.80 3.07
CA ASP A 231 7.06 -25.25 3.22
C ASP A 231 6.19 -25.81 2.09
N PRO A 232 6.70 -25.86 0.85
CA PRO A 232 5.93 -26.50 -0.23
C PRO A 232 5.73 -27.99 0.08
N VAL A 233 4.53 -28.49 -0.19
CA VAL A 233 4.24 -29.91 0.01
C VAL A 233 5.08 -30.73 -0.95
N PRO A 234 5.89 -31.65 -0.45
CA PRO A 234 6.78 -32.41 -1.33
C PRO A 234 5.99 -33.17 -2.38
N ALA A 235 6.51 -33.14 -3.60
CA ALA A 235 5.97 -33.90 -4.72
C ALA A 235 4.61 -33.40 -5.16
N VAL A 236 4.13 -32.29 -4.58
CA VAL A 236 2.83 -31.69 -4.93
C VAL A 236 3.00 -30.25 -5.35
N GLU A 237 3.74 -29.47 -4.58
CA GLU A 237 4.06 -28.10 -4.90
C GLU A 237 5.54 -28.02 -5.26
N ARG A 238 5.86 -27.08 -6.13
CA ARG A 238 7.22 -26.94 -6.64
C ARG A 238 7.74 -25.53 -6.36
N ALA A 239 8.87 -25.44 -5.68
CA ALA A 239 9.54 -24.16 -5.46
C ALA A 239 10.51 -23.86 -6.59
N TRP A 240 10.59 -22.58 -6.95
CA TRP A 240 11.45 -22.14 -8.03
C TRP A 240 12.53 -21.16 -7.59
N PHE A 241 12.25 -20.35 -6.57
CA PHE A 241 13.23 -19.50 -5.94
C PHE A 241 12.81 -19.33 -4.50
N GLU A 242 13.78 -19.05 -3.65
CA GLU A 242 13.53 -18.82 -2.24
C GLU A 242 13.96 -17.40 -1.88
N LEU A 243 13.18 -16.75 -1.03
CA LEU A 243 13.53 -15.43 -0.52
C LEU A 243 14.26 -15.58 0.81
N HIS A 244 15.51 -15.09 0.88
CA HIS A 244 16.31 -15.25 2.08
C HIS A 244 16.70 -13.95 2.77
N TRP A 245 16.80 -12.85 2.05
CA TRP A 245 17.26 -11.62 2.70
C TRP A 245 16.75 -10.44 1.90
N THR A 246 16.19 -9.45 2.57
CA THR A 246 15.69 -8.26 1.90
C THR A 246 16.34 -7.01 2.49
N GLY A 247 16.45 -5.97 1.66
CA GLY A 247 16.96 -4.69 2.11
C GLY A 247 16.36 -3.56 1.30
N SER A 248 16.24 -2.40 1.93
CA SER A 248 15.73 -1.21 1.25
C SER A 248 16.66 -0.05 1.58
N ASP A 249 17.00 0.75 0.56
CA ASP A 249 17.90 1.88 0.74
C ASP A 249 17.39 3.10 -0.02
N ILE A 250 17.52 4.27 0.61
CA ILE A 250 17.40 5.54 -0.08
C ILE A 250 18.81 5.98 -0.46
N LEU A 251 19.05 6.10 -1.76
CA LEU A 251 20.41 6.38 -2.23
C LEU A 251 20.81 7.81 -1.86
N PRO A 252 22.11 8.03 -1.60
CA PRO A 252 22.55 9.37 -1.17
C PRO A 252 22.46 10.38 -2.31
N ASN A 253 22.12 11.61 -1.95
CA ASN A 253 22.05 12.73 -2.87
C ASN A 253 21.17 12.37 -4.08
N SER A 254 19.99 11.84 -3.77
CA SER A 254 19.06 11.45 -4.82
C SER A 254 17.70 12.10 -4.66
N ASP A 255 17.59 13.11 -3.79
CA ASP A 255 16.34 13.79 -3.52
C ASP A 255 15.76 14.38 -4.80
N GLY A 256 14.62 13.84 -5.25
CA GLY A 256 13.99 14.28 -6.47
C GLY A 256 14.56 13.69 -7.75
N ALA A 257 15.39 12.64 -7.66
CA ALA A 257 15.90 12.01 -8.87
C ALA A 257 14.76 11.45 -9.73
N ILE A 258 13.75 10.87 -9.09
CA ILE A 258 12.60 10.32 -9.80
C ILE A 258 11.36 10.72 -9.01
N ASP A 259 10.55 11.61 -9.57
CA ASP A 259 9.26 11.97 -8.98
C ASP A 259 8.13 11.58 -9.92
N GLY A 260 7.00 11.19 -9.33
CA GLY A 260 5.76 11.02 -10.08
C GLY A 260 4.57 11.59 -9.33
N HIS A 261 3.81 12.47 -9.97
CA HIS A 261 2.65 13.08 -9.32
C HIS A 261 1.37 12.73 -10.08
N LEU A 262 0.32 12.44 -9.33
CA LEU A 262 -0.99 12.16 -9.91
C LEU A 262 -1.75 13.47 -10.00
N LYS A 263 -1.74 14.08 -11.18
CA LYS A 263 -2.38 15.36 -11.40
C LYS A 263 -3.65 15.21 -12.23
N GLU A 264 -4.38 16.32 -12.35
CA GLU A 264 -5.59 16.33 -13.15
C GLU A 264 -5.30 16.05 -14.62
N VAL A 265 -4.04 16.17 -15.06
CA VAL A 265 -3.66 15.79 -16.41
C VAL A 265 -3.21 14.33 -16.43
N GLY A 266 -3.46 13.59 -15.36
CA GLY A 266 -2.94 12.25 -15.25
C GLY A 266 -1.64 12.20 -14.47
N LEU A 267 -0.97 11.05 -14.57
CA LEU A 267 0.27 10.80 -13.83
C LEU A 267 1.43 11.44 -14.58
N THR A 268 2.15 12.31 -13.90
CA THR A 268 3.25 13.06 -14.50
C THR A 268 4.56 12.48 -13.99
N PHE A 269 5.55 12.48 -14.87
CA PHE A 269 6.79 11.73 -14.69
C PHE A 269 7.94 12.71 -14.79
N HIS A 270 8.82 12.70 -13.78
CA HIS A 270 9.93 13.64 -13.66
C HIS A 270 11.18 12.84 -13.33
N LEU A 271 12.21 13.00 -14.15
CA LEU A 271 13.33 12.07 -14.19
C LEU A 271 14.62 12.81 -14.45
N MET A 272 15.54 12.75 -13.49
CA MET A 272 16.84 13.40 -13.64
C MET A 272 17.84 12.50 -14.39
N LYS A 273 18.70 13.15 -15.15
CA LYS A 273 19.65 12.50 -16.02
C LYS A 273 20.78 11.82 -15.27
N ASP A 274 20.93 12.10 -13.99
CA ASP A 274 21.94 11.45 -13.19
C ASP A 274 21.43 10.20 -12.49
N VAL A 275 20.20 9.76 -12.75
CA VAL A 275 19.72 8.49 -12.20
C VAL A 275 20.71 7.34 -12.45
N PRO A 276 21.24 7.13 -13.67
CA PRO A 276 22.18 6.02 -13.86
C PRO A 276 23.45 6.14 -13.04
N ALA A 277 23.99 7.36 -12.93
CA ALA A 277 25.19 7.58 -12.13
C ALA A 277 24.92 7.31 -10.65
N ILE A 278 23.80 7.84 -10.14
CA ILE A 278 23.44 7.65 -8.73
C ILE A 278 23.28 6.17 -8.42
N ILE A 279 22.62 5.42 -9.28
CA ILE A 279 22.43 4.01 -9.03
C ILE A 279 23.75 3.27 -9.14
N SER A 280 24.43 3.43 -10.27
CA SER A 280 25.63 2.64 -10.54
C SER A 280 26.74 2.92 -9.55
N LYS A 281 26.82 4.15 -9.03
CA LYS A 281 27.90 4.48 -8.11
C LYS A 281 27.61 4.05 -6.68
N ASN A 282 26.36 3.77 -6.36
CA ASN A 282 26.03 3.34 -5.02
C ASN A 282 25.68 1.86 -4.90
N ILE A 283 25.39 1.18 -6.01
CA ILE A 283 24.84 -0.17 -5.86
C ILE A 283 25.87 -1.09 -5.24
N GLY A 284 27.15 -0.88 -5.54
CA GLY A 284 28.17 -1.83 -5.12
C GLY A 284 28.28 -1.93 -3.61
N GLY A 285 28.30 -0.79 -2.92
CA GLY A 285 28.26 -0.81 -1.47
C GLY A 285 27.02 -1.50 -0.93
N ILE A 286 25.87 -1.23 -1.52
CA ILE A 286 24.63 -1.86 -1.07
C ILE A 286 24.74 -3.38 -1.19
N LEU A 287 25.20 -3.86 -2.34
CA LEU A 287 25.29 -5.30 -2.55
C LEU A 287 26.37 -5.93 -1.66
N LYS A 288 27.50 -5.26 -1.53
CA LYS A 288 28.57 -5.82 -0.71
C LYS A 288 28.12 -5.96 0.75
N ASP A 289 27.39 -4.97 1.27
CA ASP A 289 26.80 -5.08 2.61
C ASP A 289 25.76 -6.20 2.67
N ALA A 290 24.87 -6.27 1.66
CA ALA A 290 23.85 -7.31 1.64
C ALA A 290 24.47 -8.71 1.69
N LEU A 291 25.50 -8.95 0.87
CA LEU A 291 26.11 -10.28 0.83
C LEU A 291 26.90 -10.58 2.09
N ALA A 292 27.51 -9.57 2.71
CA ALA A 292 28.15 -9.76 4.01
C ALA A 292 27.15 -10.20 5.08
N LYS A 293 25.96 -9.59 5.10
CA LYS A 293 24.94 -10.02 6.06
C LYS A 293 24.53 -11.47 5.81
N VAL A 294 24.40 -11.85 4.54
CA VAL A 294 23.91 -13.18 4.19
C VAL A 294 24.99 -14.23 4.37
N PHE A 295 26.26 -13.86 4.23
CA PHE A 295 27.38 -14.80 4.32
C PHE A 295 28.41 -14.25 5.30
N PRO A 296 28.09 -14.21 6.59
CA PRO A 296 29.02 -13.63 7.56
C PRO A 296 30.18 -14.55 7.87
N ALA A 297 31.32 -13.95 8.19
CA ALA A 297 32.40 -14.72 8.78
C ALA A 297 32.20 -14.78 10.29
N ALA A 298 32.72 -15.84 10.91
CA ALA A 298 32.61 -15.99 12.35
C ALA A 298 33.84 -16.71 12.92
N ALA A 311 33.06 -20.60 7.54
CA ALA A 311 31.92 -20.06 6.81
C ALA A 311 32.35 -19.61 5.41
N PRO A 312 31.50 -19.87 4.42
CA PRO A 312 31.83 -19.53 3.03
C PRO A 312 31.71 -18.04 2.79
N PRO A 313 32.69 -17.42 2.12
CA PRO A 313 32.54 -16.02 1.72
C PRO A 313 31.44 -15.89 0.68
N PRO A 314 30.93 -14.68 0.43
CA PRO A 314 29.91 -14.51 -0.61
C PRO A 314 30.41 -15.03 -1.93
N PRO A 315 29.54 -15.59 -2.78
CA PRO A 315 29.93 -15.84 -4.16
C PRO A 315 30.31 -14.53 -4.81
N THR A 316 31.16 -14.62 -5.83
CA THR A 316 31.45 -13.45 -6.64
C THR A 316 30.22 -13.05 -7.44
N TYR A 317 30.23 -11.80 -7.89
CA TYR A 317 29.12 -11.29 -8.69
C TYR A 317 28.86 -12.17 -9.90
N ASN A 318 29.92 -12.63 -10.56
CA ASN A 318 29.75 -13.46 -11.76
C ASN A 318 29.14 -14.81 -11.46
N ASP A 319 29.14 -15.23 -10.19
CA ASP A 319 28.58 -16.52 -9.79
C ASP A 319 27.21 -16.37 -9.14
N LEU A 320 26.61 -15.20 -9.26
CA LEU A 320 25.25 -14.98 -8.83
C LEU A 320 24.38 -14.80 -10.05
N PHE A 321 23.10 -15.16 -9.93
CA PHE A 321 22.17 -14.82 -10.99
C PHE A 321 21.57 -13.45 -10.68
N TRP A 322 21.22 -12.73 -11.75
CA TRP A 322 20.87 -11.31 -11.66
C TRP A 322 19.48 -11.07 -12.25
N ILE A 323 18.57 -10.57 -11.42
CA ILE A 323 17.22 -10.17 -11.84
C ILE A 323 17.10 -8.68 -11.51
N THR A 324 17.46 -7.84 -12.47
CA THR A 324 17.64 -6.41 -12.24
C THR A 324 16.54 -5.63 -12.95
N HIS A 325 15.92 -4.69 -12.25
CA HIS A 325 14.92 -3.87 -12.93
C HIS A 325 15.61 -3.08 -14.04
N PRO A 326 15.24 -3.28 -15.26
CA PRO A 326 15.92 -2.54 -16.35
C PRO A 326 15.28 -1.17 -16.57
N GLY A 327 15.55 -0.24 -15.63
CA GLY A 327 14.93 1.08 -15.73
C GLY A 327 15.24 1.76 -17.04
N GLY A 328 16.40 1.47 -17.61
CA GLY A 328 16.80 1.94 -18.90
C GLY A 328 18.13 1.32 -19.20
N PRO A 329 18.52 1.31 -20.49
CA PRO A 329 19.82 0.71 -20.83
C PRO A 329 20.98 1.41 -20.14
N ALA A 330 20.94 2.73 -19.97
CA ALA A 330 22.08 3.38 -19.33
C ALA A 330 22.25 2.91 -17.89
N ILE A 331 21.15 2.63 -17.18
CA ILE A 331 21.25 2.09 -15.83
C ILE A 331 21.96 0.74 -15.85
N LEU A 332 21.49 -0.18 -16.71
CA LEU A 332 22.10 -1.50 -16.79
C LEU A 332 23.57 -1.42 -17.20
N ASP A 333 23.87 -0.59 -18.20
CA ASP A 333 25.25 -0.49 -18.68
C ASP A 333 26.17 0.07 -17.60
N GLN A 334 25.71 1.07 -16.85
CA GLN A 334 26.60 1.69 -15.88
C GLN A 334 26.75 0.82 -14.64
N VAL A 335 25.69 0.11 -14.25
CA VAL A 335 25.80 -0.89 -13.18
C VAL A 335 26.75 -2.00 -13.60
N GLU A 336 26.55 -2.53 -14.81
CA GLU A 336 27.42 -3.58 -15.32
C GLU A 336 28.87 -3.14 -15.32
N ASP A 337 29.11 -1.87 -15.67
CA ASP A 337 30.48 -1.37 -15.74
C ASP A 337 31.05 -1.15 -14.34
N ARG A 338 30.32 -0.44 -13.48
CA ARG A 338 30.83 -0.12 -12.14
C ARG A 338 31.17 -1.38 -11.34
N LEU A 339 30.34 -2.42 -11.46
CA LEU A 339 30.50 -3.68 -10.75
C LEU A 339 31.38 -4.70 -11.47
N GLY A 340 31.76 -4.44 -12.72
CA GLY A 340 32.63 -5.37 -13.43
C GLY A 340 31.97 -6.71 -13.74
N LEU A 341 30.67 -6.70 -14.05
CA LEU A 341 29.93 -7.91 -14.34
C LEU A 341 30.28 -8.41 -15.73
N ARG A 342 30.51 -9.72 -15.84
CA ARG A 342 30.66 -10.33 -17.15
C ARG A 342 29.43 -10.04 -18.00
N LYS A 343 29.64 -9.95 -19.31
CA LYS A 343 28.63 -9.40 -20.21
C LYS A 343 27.37 -10.26 -20.31
N ASP A 344 27.37 -11.49 -19.77
CA ASP A 344 26.18 -12.33 -19.86
C ASP A 344 25.31 -12.29 -18.62
N LYS A 345 25.77 -11.61 -17.57
CA LYS A 345 25.01 -11.62 -16.32
C LYS A 345 23.66 -10.91 -16.45
N LEU A 346 23.58 -9.83 -17.22
CA LEU A 346 22.30 -9.13 -17.37
C LEU A 346 21.51 -9.62 -18.59
N ALA A 347 21.80 -10.82 -19.11
CA ALA A 347 21.16 -11.25 -20.35
C ALA A 347 19.66 -11.47 -20.16
N SER A 348 19.24 -12.13 -19.07
CA SER A 348 17.81 -12.33 -18.87
C SER A 348 17.10 -11.00 -18.66
N THR A 349 17.72 -10.12 -17.88
CA THR A 349 17.22 -8.77 -17.70
C THR A 349 17.05 -8.08 -19.05
N ARG A 350 18.08 -8.12 -19.89
CA ARG A 350 18.05 -7.40 -21.15
C ARG A 350 17.09 -8.02 -22.15
N ALA A 351 16.85 -9.33 -22.05
CA ALA A 351 15.83 -9.95 -22.91
C ALA A 351 14.45 -9.39 -22.62
N VAL A 352 14.10 -9.21 -21.34
CA VAL A 352 12.75 -8.75 -21.02
C VAL A 352 12.58 -7.29 -21.43
N LEU A 353 13.62 -6.47 -21.23
CA LEU A 353 13.54 -5.08 -21.66
C LEU A 353 13.39 -4.98 -23.17
N ASP A 354 14.12 -5.82 -23.89
CA ASP A 354 14.05 -5.82 -25.35
C ASP A 354 12.65 -6.15 -25.86
N GLN A 355 11.95 -7.06 -25.17
CA GLN A 355 10.70 -7.60 -25.68
C GLN A 355 9.46 -6.95 -25.07
N PHE A 356 9.59 -6.27 -23.94
CA PHE A 356 8.45 -5.67 -23.25
C PHE A 356 8.68 -4.25 -22.79
N GLY A 357 9.89 -3.76 -22.89
CA GLY A 357 10.25 -2.50 -22.30
C GLY A 357 10.16 -2.48 -20.79
N ASN A 358 10.09 -1.30 -20.24
CA ASN A 358 10.06 -1.08 -18.82
C ASN A 358 8.61 -1.14 -18.35
N MET A 359 8.26 -2.21 -17.67
CA MET A 359 6.92 -2.47 -17.20
C MET A 359 6.76 -2.10 -15.74
N SER A 360 7.49 -1.10 -15.31
CA SER A 360 7.58 -0.67 -13.94
C SER A 360 7.72 -1.85 -12.95
N SER A 361 6.82 -1.95 -11.99
CA SER A 361 6.93 -2.91 -10.91
C SER A 361 6.82 -4.38 -11.32
N ALA A 362 6.16 -4.66 -12.43
CA ALA A 362 6.01 -6.01 -12.94
C ALA A 362 7.29 -6.64 -13.50
N THR A 363 8.19 -5.80 -13.96
CA THR A 363 9.31 -6.20 -14.79
C THR A 363 10.20 -7.30 -14.24
N VAL A 364 10.75 -7.09 -13.06
CA VAL A 364 11.50 -8.12 -12.38
C VAL A 364 10.88 -9.52 -12.33
N LEU A 365 9.59 -9.63 -12.14
CA LEU A 365 8.92 -10.91 -12.24
C LEU A 365 8.83 -11.49 -13.64
N PHE A 366 8.72 -10.67 -14.66
CA PHE A 366 8.91 -11.22 -16.01
C PHE A 366 10.31 -11.78 -16.14
N ILE A 367 11.31 -11.06 -15.60
CA ILE A 367 12.70 -11.49 -15.70
C ILE A 367 12.92 -12.77 -14.91
N MET A 368 12.35 -12.85 -13.72
CA MET A 368 12.37 -14.10 -12.95
C MET A 368 11.78 -15.25 -13.77
N ASP A 369 10.63 -15.01 -14.42
CA ASP A 369 10.01 -16.06 -15.22
C ASP A 369 10.84 -16.38 -16.45
N GLU A 370 11.38 -15.35 -17.10
CA GLU A 370 12.27 -15.57 -18.23
C GLU A 370 13.47 -16.42 -17.82
N MET A 371 14.08 -16.10 -16.68
CA MET A 371 15.28 -16.81 -16.25
C MET A 371 15.00 -18.29 -15.94
N ARG A 372 13.96 -18.58 -15.14
CA ARG A 372 13.70 -19.99 -14.83
C ARG A 372 13.33 -20.78 -16.07
N LYS A 373 12.60 -20.16 -17.00
CA LYS A 373 12.15 -20.87 -18.18
C LYS A 373 13.33 -21.23 -19.08
N ARG A 374 14.25 -20.28 -19.24
CA ARG A 374 15.49 -20.55 -19.98
C ARG A 374 16.31 -21.63 -19.31
N SER A 375 16.32 -21.66 -17.97
CA SER A 375 17.14 -22.63 -17.27
C SER A 375 16.62 -24.03 -17.47
N VAL A 376 15.30 -24.19 -17.42
CA VAL A 376 14.66 -25.45 -17.77
C VAL A 376 14.93 -25.80 -19.23
N GLU A 377 14.73 -24.83 -20.14
CA GLU A 377 14.85 -25.11 -21.56
C GLU A 377 16.26 -25.57 -21.93
N GLN A 378 17.27 -24.90 -21.39
CA GLN A 378 18.66 -25.21 -21.73
C GLN A 378 19.28 -26.22 -20.77
N GLN A 379 18.49 -26.77 -19.84
CA GLN A 379 18.94 -27.84 -18.95
C GLN A 379 20.12 -27.39 -18.10
N LEU A 380 20.05 -26.17 -17.59
CA LEU A 380 21.03 -25.72 -16.63
C LEU A 380 20.77 -26.41 -15.29
N GLY A 381 21.70 -26.25 -14.36
CA GLY A 381 21.61 -27.04 -13.15
C GLY A 381 20.65 -26.52 -12.12
N THR A 382 20.22 -25.26 -12.23
CA THR A 382 19.31 -24.64 -11.28
C THR A 382 18.39 -23.71 -12.02
N THR A 383 17.33 -23.33 -11.31
CA THR A 383 16.39 -22.32 -11.81
C THR A 383 17.06 -20.97 -12.04
N GLY A 384 18.24 -20.73 -11.46
CA GLY A 384 18.93 -19.46 -11.60
C GLY A 384 20.11 -19.55 -12.54
N GLU A 385 19.87 -20.04 -13.76
CA GLU A 385 20.90 -20.19 -14.78
C GLU A 385 22.07 -21.05 -14.33
N GLY A 386 21.87 -21.95 -13.38
CA GLY A 386 22.93 -22.83 -12.93
C GLY A 386 23.69 -22.33 -11.72
N HIS A 387 23.38 -21.14 -11.24
CA HIS A 387 23.96 -20.57 -10.03
C HIS A 387 23.04 -20.81 -8.83
N GLU A 388 23.64 -20.82 -7.64
CA GLU A 388 22.92 -21.07 -6.40
C GLU A 388 22.23 -19.81 -5.91
N TRP A 389 22.99 -18.74 -5.72
CA TRP A 389 22.46 -17.51 -5.15
C TRP A 389 22.29 -16.44 -6.22
N GLY A 390 21.44 -15.46 -5.93
CA GLY A 390 21.16 -14.40 -6.88
C GLY A 390 20.59 -13.17 -6.23
N LEU A 391 20.47 -12.11 -7.03
CA LEU A 391 20.00 -10.81 -6.58
C LEU A 391 18.85 -10.35 -7.45
N LEU A 392 17.78 -9.89 -6.82
CA LEU A 392 16.72 -9.16 -7.49
C LEU A 392 16.76 -7.73 -6.97
N LEU A 393 16.89 -6.77 -7.87
CA LEU A 393 16.99 -5.35 -7.54
C LEU A 393 15.88 -4.56 -8.21
N GLY A 394 15.26 -3.65 -7.46
CA GLY A 394 14.30 -2.71 -8.01
C GLY A 394 14.70 -1.30 -7.65
N PHE A 395 14.51 -0.38 -8.59
CA PHE A 395 14.90 1.02 -8.41
C PHE A 395 13.73 1.92 -8.79
N GLY A 396 13.45 2.92 -7.95
CA GLY A 396 12.34 3.81 -8.20
C GLY A 396 12.38 5.07 -7.36
N PRO A 397 11.27 5.81 -7.33
CA PRO A 397 11.22 7.08 -6.58
C PRO A 397 11.79 6.97 -5.17
N GLY A 398 12.63 7.93 -4.81
CA GLY A 398 13.31 7.87 -3.52
C GLY A 398 14.58 8.70 -3.43
N LEU A 399 15.62 8.34 -4.18
CA LEU A 399 15.67 7.16 -5.03
C LEU A 399 15.78 5.87 -4.21
N THR A 400 14.81 4.98 -4.37
CA THR A 400 14.68 3.79 -3.55
C THR A 400 15.28 2.59 -4.27
N CYS A 401 16.10 1.83 -3.55
CA CYS A 401 16.67 0.60 -4.06
C CYS A 401 16.22 -0.55 -3.16
N GLU A 402 15.48 -1.50 -3.72
CA GLU A 402 15.08 -2.72 -3.06
C GLU A 402 16.02 -3.84 -3.47
N THR A 403 16.51 -4.59 -2.48
CA THR A 403 17.48 -5.66 -2.70
C THR A 403 16.95 -6.93 -2.07
N VAL A 404 16.77 -7.97 -2.88
CA VAL A 404 16.30 -9.26 -2.42
C VAL A 404 17.35 -10.30 -2.78
N VAL A 405 17.90 -10.98 -1.78
CA VAL A 405 18.82 -12.08 -2.03
C VAL A 405 17.98 -13.35 -2.17
N LEU A 406 18.14 -14.02 -3.31
CA LEU A 406 17.34 -15.16 -3.71
C LEU A 406 18.21 -16.39 -3.74
N ARG A 407 17.60 -17.55 -3.50
CA ARG A 407 18.27 -18.81 -3.79
C ARG A 407 17.51 -19.55 -4.87
N SER A 408 18.25 -20.12 -5.82
CA SER A 408 17.63 -20.91 -6.86
C SER A 408 17.30 -22.28 -6.30
N VAL A 409 16.67 -23.11 -7.14
CA VAL A 409 16.36 -24.47 -6.73
C VAL A 409 16.98 -25.40 -7.76
N PRO A 410 17.60 -26.51 -7.36
CA PRO A 410 18.24 -27.39 -8.35
C PRO A 410 17.22 -28.05 -9.26
N LEU A 411 17.66 -28.36 -10.47
CA LEU A 411 16.79 -28.93 -11.50
C LEU A 411 17.18 -30.39 -11.73
N VAL A 412 16.15 -31.22 -11.92
CA VAL A 412 16.26 -32.64 -12.28
C VAL A 412 17.46 -33.35 -11.65
N PRO B 11 19.56 -22.53 9.56
CA PRO B 11 19.82 -21.22 10.14
C PRO B 11 19.42 -20.12 9.21
N ARG B 12 18.39 -19.39 9.55
CA ARG B 12 17.83 -18.40 8.69
C ARG B 12 18.81 -17.30 8.41
N LYS B 13 18.77 -16.84 7.20
CA LYS B 13 19.56 -15.72 6.81
C LYS B 13 19.02 -14.42 7.42
N MET B 14 17.74 -14.34 7.69
CA MET B 14 17.19 -13.33 8.55
C MET B 14 16.52 -13.99 9.75
N GLU B 15 17.02 -13.69 10.92
CA GLU B 15 16.49 -14.23 12.14
C GLU B 15 15.13 -13.66 12.45
N ARG B 16 14.24 -14.48 12.96
CA ARG B 16 12.94 -14.03 13.35
C ARG B 16 12.82 -13.84 14.85
N ALA B 17 11.72 -13.24 15.25
CA ALA B 17 11.44 -12.98 16.63
C ALA B 17 10.56 -14.05 17.26
N GLU B 18 10.39 -13.99 18.56
CA GLU B 18 9.76 -15.07 19.27
C GLU B 18 8.39 -14.78 19.83
N GLY B 19 8.25 -13.67 20.51
CA GLY B 19 7.04 -13.29 21.18
C GLY B 19 6.12 -12.50 20.28
N PRO B 20 4.93 -12.21 20.77
CA PRO B 20 3.91 -11.57 19.92
C PRO B 20 4.23 -10.11 19.65
N ALA B 21 3.96 -9.68 18.43
CA ALA B 21 4.06 -8.27 18.10
C ALA B 21 3.32 -7.43 19.14
N SER B 22 4.00 -6.46 19.73
CA SER B 22 3.44 -5.69 20.83
C SER B 22 3.47 -4.20 20.50
N VAL B 23 2.45 -3.48 20.95
CA VAL B 23 2.44 -2.02 20.85
C VAL B 23 3.27 -1.47 22.00
N LEU B 24 4.34 -0.72 21.69
CA LEU B 24 5.25 -0.24 22.71
C LEU B 24 5.11 1.25 23.00
N ALA B 25 4.31 1.98 22.23
CA ALA B 25 4.09 3.41 22.38
C ALA B 25 3.01 3.83 21.40
N ILE B 26 2.32 4.92 21.75
CA ILE B 26 1.28 5.50 20.90
C ILE B 26 1.37 7.01 21.01
N GLY B 27 1.42 7.69 19.87
CA GLY B 27 1.32 9.13 19.84
C GLY B 27 0.19 9.57 18.92
N THR B 28 -0.40 10.71 19.25
CA THR B 28 -1.49 11.26 18.44
C THR B 28 -1.28 12.75 18.19
N ALA B 29 -1.91 13.24 17.14
CA ALA B 29 -1.72 14.63 16.73
C ALA B 29 -2.94 15.07 15.94
N VAL B 30 -3.47 16.25 16.27
CA VAL B 30 -4.62 16.79 15.55
C VAL B 30 -4.31 18.22 15.15
N PRO B 31 -4.89 18.72 14.06
CA PRO B 31 -4.72 20.12 13.73
C PRO B 31 -5.26 21.00 14.84
N PRO B 32 -4.71 22.20 15.02
CA PRO B 32 -5.15 23.03 16.16
C PRO B 32 -6.57 23.58 16.00
N ASN B 33 -7.08 23.70 14.78
CA ASN B 33 -8.39 24.30 14.59
C ASN B 33 -9.47 23.32 15.06
N VAL B 34 -10.25 23.72 16.07
CA VAL B 34 -11.35 22.90 16.57
C VAL B 34 -12.66 23.48 16.06
N VAL B 35 -13.55 22.59 15.63
CA VAL B 35 -14.81 22.95 15.02
C VAL B 35 -15.91 22.33 15.86
N TYR B 36 -16.61 23.14 16.65
CA TYR B 36 -17.68 22.59 17.48
C TYR B 36 -18.89 22.25 16.62
N GLN B 37 -19.42 21.04 16.82
CA GLN B 37 -20.53 20.56 16.00
C GLN B 37 -21.75 21.45 16.12
N LYS B 38 -21.99 22.02 17.31
CA LYS B 38 -23.06 23.01 17.46
C LYS B 38 -22.95 24.10 16.41
N ASP B 39 -21.71 24.53 16.11
CA ASP B 39 -21.49 25.62 15.17
C ASP B 39 -21.43 25.17 13.71
N TYR B 40 -21.28 23.87 13.45
CA TYR B 40 -20.83 23.47 12.12
C TYR B 40 -21.86 23.73 11.03
N PRO B 41 -23.14 23.35 11.17
CA PRO B 41 -24.10 23.67 10.09
C PRO B 41 -24.08 25.12 9.63
N ASP B 42 -24.11 26.07 10.57
CA ASP B 42 -24.04 27.47 10.18
C ASP B 42 -22.74 27.74 9.42
N PHE B 43 -21.63 27.28 9.96
CA PHE B 43 -20.33 27.51 9.33
C PHE B 43 -20.30 26.93 7.92
N TYR B 44 -20.69 25.67 7.79
CA TYR B 44 -20.51 24.96 6.53
C TYR B 44 -21.40 25.56 5.44
N PHE B 45 -22.67 25.80 5.74
CA PHE B 45 -23.55 26.36 4.72
C PHE B 45 -23.22 27.82 4.44
N GLY B 46 -22.70 28.55 5.42
CA GLY B 46 -22.27 29.91 5.17
C GLY B 46 -21.03 29.96 4.28
N VAL B 47 -19.97 29.24 4.66
CA VAL B 47 -18.73 29.34 3.90
C VAL B 47 -18.87 28.71 2.52
N THR B 48 -19.83 27.82 2.32
CA THR B 48 -20.10 27.27 1.00
C THR B 48 -21.27 27.97 0.30
N ASN B 49 -21.68 29.13 0.80
CA ASN B 49 -22.64 30.00 0.11
C ASN B 49 -23.90 29.24 -0.27
N SER B 50 -24.39 28.42 0.66
CA SER B 50 -25.53 27.55 0.40
C SER B 50 -26.68 27.79 1.37
N ASN B 51 -26.58 28.82 2.21
CA ASN B 51 -27.61 29.05 3.22
C ASN B 51 -28.99 29.21 2.63
N HIS B 52 -29.09 29.60 1.35
CA HIS B 52 -30.41 29.65 0.71
C HIS B 52 -31.03 28.26 0.58
N LYS B 53 -30.24 27.20 0.72
CA LYS B 53 -30.70 25.82 0.59
C LYS B 53 -31.31 25.35 1.91
N THR B 54 -32.46 25.95 2.23
CA THR B 54 -33.07 25.80 3.56
C THR B 54 -33.39 24.34 3.88
N GLU B 55 -33.95 23.61 2.92
CA GLU B 55 -34.33 22.23 3.20
C GLU B 55 -33.09 21.36 3.35
N LEU B 56 -32.11 21.56 2.47
CA LEU B 56 -30.85 20.84 2.58
C LEU B 56 -30.20 21.05 3.95
N LYS B 57 -30.09 22.32 4.36
CA LYS B 57 -29.40 22.63 5.62
C LYS B 57 -30.08 21.99 6.81
N ASP B 58 -31.42 22.00 6.84
CA ASP B 58 -32.11 21.40 7.98
C ASP B 58 -31.87 19.91 8.05
N LYS B 59 -31.86 19.23 6.91
CA LYS B 59 -31.43 17.84 6.90
C LYS B 59 -30.01 17.71 7.44
N PHE B 60 -29.13 18.66 7.10
CA PHE B 60 -27.77 18.58 7.60
C PHE B 60 -27.71 18.86 9.10
N GLN B 61 -28.52 19.79 9.58
CA GLN B 61 -28.61 20.03 11.02
C GLN B 61 -28.99 18.76 11.76
N ARG B 62 -29.96 18.01 11.21
CA ARG B 62 -30.40 16.78 11.86
C ARG B 62 -29.30 15.73 11.90
N MET B 63 -28.55 15.60 10.80
CA MET B 63 -27.40 14.69 10.84
C MET B 63 -26.40 15.09 11.93
N CYS B 64 -26.11 16.39 12.04
CA CYS B 64 -25.18 16.82 13.06
C CYS B 64 -25.73 16.61 14.46
N ASP B 65 -27.01 16.97 14.68
CA ASP B 65 -27.64 16.84 15.99
C ASP B 65 -27.48 15.43 16.54
N LYS B 66 -27.43 14.49 15.62
CA LYS B 66 -27.45 13.08 15.86
C LYS B 66 -26.06 12.40 15.75
N SER B 67 -25.06 13.10 15.25
CA SER B 67 -23.78 12.51 14.89
C SER B 67 -23.04 11.94 16.10
N CYS B 68 -23.45 12.30 17.31
CA CYS B 68 -22.69 12.00 18.54
C CYS B 68 -21.24 12.43 18.39
N VAL B 69 -21.02 13.47 17.59
CA VAL B 69 -19.75 14.16 17.48
C VAL B 69 -19.97 15.53 18.10
N SER B 70 -19.14 15.87 19.09
CA SER B 70 -19.20 17.19 19.71
C SER B 70 -18.20 18.17 19.09
N LYS B 71 -17.01 17.70 18.72
CA LYS B 71 -16.04 18.58 18.12
C LYS B 71 -15.13 17.76 17.22
N ARG B 72 -14.56 18.46 16.23
CA ARG B 72 -13.59 17.89 15.31
C ARG B 72 -12.46 18.88 15.12
N HIS B 73 -11.27 18.34 14.89
CA HIS B 73 -10.11 19.14 14.53
C HIS B 73 -9.92 19.07 13.02
N LEU B 74 -9.79 20.24 12.38
CA LEU B 74 -9.73 20.31 10.93
C LEU B 74 -8.57 21.19 10.49
N TYR B 75 -7.81 20.68 9.52
CA TYR B 75 -6.80 21.52 8.86
C TYR B 75 -7.45 22.71 8.17
N LEU B 76 -8.59 22.50 7.51
CA LEU B 76 -9.23 23.60 6.79
C LEU B 76 -9.80 24.61 7.77
N THR B 77 -9.53 25.88 7.51
CA THR B 77 -10.06 26.99 8.29
C THR B 77 -10.89 27.88 7.38
N GLU B 78 -11.69 28.77 7.98
CA GLU B 78 -12.46 29.68 7.15
C GLU B 78 -11.54 30.48 6.24
N GLU B 79 -10.40 30.92 6.77
CA GLU B 79 -9.48 31.73 5.98
C GLU B 79 -8.95 30.97 4.78
N ILE B 80 -8.62 29.69 4.96
CA ILE B 80 -8.12 28.88 3.85
C ILE B 80 -9.21 28.66 2.82
N LEU B 81 -10.44 28.45 3.28
CA LEU B 81 -11.55 28.20 2.36
C LEU B 81 -11.88 29.43 1.55
N LYS B 82 -11.93 30.60 2.21
CA LYS B 82 -12.21 31.82 1.50
C LYS B 82 -11.10 32.15 0.51
N ALA B 83 -9.89 31.66 0.78
CA ALA B 83 -8.78 31.86 -0.15
C ALA B 83 -8.88 30.95 -1.37
N ASN B 84 -9.47 29.76 -1.23
CA ASN B 84 -9.50 28.75 -2.28
C ASN B 84 -10.96 28.41 -2.59
N PRO B 85 -11.62 29.19 -3.46
CA PRO B 85 -13.06 29.00 -3.66
C PRO B 85 -13.45 27.68 -4.32
N SER B 86 -12.52 26.96 -4.96
CA SER B 86 -12.89 25.70 -5.59
C SER B 86 -13.12 24.58 -4.59
N LEU B 87 -12.74 24.77 -3.32
CA LEU B 87 -13.07 23.80 -2.29
C LEU B 87 -14.48 24.00 -1.74
N CYS B 88 -15.03 25.20 -1.88
CA CYS B 88 -16.36 25.52 -1.34
C CYS B 88 -17.48 25.27 -2.33
N ALA B 89 -17.17 25.20 -3.62
CA ALA B 89 -18.13 24.73 -4.58
C ALA B 89 -18.28 23.22 -4.43
N TYR B 90 -19.36 22.68 -5.00
CA TYR B 90 -19.63 21.27 -4.79
C TYR B 90 -18.86 20.38 -5.77
N TRP B 91 -18.75 20.79 -7.03
CA TRP B 91 -18.19 19.92 -8.05
C TRP B 91 -17.32 20.74 -9.01
N GLU B 92 -16.24 21.32 -8.49
CA GLU B 92 -15.29 22.07 -9.29
C GLU B 92 -13.95 21.37 -9.36
N PRO B 93 -13.21 21.51 -10.46
CA PRO B 93 -11.83 20.94 -10.51
C PRO B 93 -11.00 21.45 -9.36
N SER B 94 -10.37 20.53 -8.64
CA SER B 94 -9.73 20.93 -7.40
C SER B 94 -8.70 19.91 -6.90
N LEU B 95 -8.53 18.81 -7.62
CA LEU B 95 -7.63 17.77 -7.14
C LEU B 95 -6.21 18.29 -6.97
N ASP B 96 -5.72 19.06 -7.95
CA ASP B 96 -4.34 19.54 -7.89
C ASP B 96 -4.15 20.43 -6.67
N LEU B 97 -5.12 21.28 -6.35
CA LEU B 97 -5.05 22.10 -5.15
C LEU B 97 -5.08 21.23 -3.89
N ARG B 98 -6.03 20.30 -3.82
CA ARG B 98 -6.12 19.38 -2.67
C ARG B 98 -4.85 18.58 -2.49
N GLN B 99 -4.37 17.99 -3.57
CA GLN B 99 -3.15 17.19 -3.52
C GLN B 99 -1.98 18.03 -3.02
N ASP B 100 -1.84 19.25 -3.55
CA ASP B 100 -0.77 20.14 -3.10
C ASP B 100 -0.83 20.37 -1.61
N ILE B 101 -2.03 20.34 -1.02
CA ILE B 101 -2.19 20.50 0.41
C ILE B 101 -1.79 19.22 1.16
N VAL B 102 -2.47 18.11 0.85
CA VAL B 102 -2.38 16.96 1.75
C VAL B 102 -1.07 16.21 1.55
N VAL B 103 -0.50 16.25 0.33
CA VAL B 103 0.82 15.65 0.11
C VAL B 103 1.84 16.21 1.09
N VAL B 104 1.64 17.44 1.53
CA VAL B 104 2.50 18.06 2.54
C VAL B 104 1.94 17.84 3.94
N GLU B 105 0.66 18.19 4.12
CA GLU B 105 0.12 18.27 5.47
C GLU B 105 -0.09 16.88 6.09
N VAL B 106 -0.39 15.87 5.27
CA VAL B 106 -0.58 14.53 5.80
C VAL B 106 0.69 14.00 6.45
N PRO B 107 1.86 13.98 5.79
CA PRO B 107 3.09 13.53 6.48
C PRO B 107 3.52 14.45 7.61
N LYS B 108 3.24 15.76 7.49
CA LYS B 108 3.58 16.69 8.56
C LYS B 108 2.78 16.37 9.82
N LEU B 109 1.48 16.13 9.67
CA LEU B 109 0.68 15.74 10.83
C LEU B 109 1.12 14.38 11.37
N GLY B 110 1.47 13.46 10.47
CA GLY B 110 1.97 12.18 10.92
C GLY B 110 3.28 12.29 11.67
N LYS B 111 4.05 13.34 11.39
CA LYS B 111 5.33 13.51 12.07
C LYS B 111 5.14 13.94 13.53
N GLN B 112 4.15 14.79 13.80
CA GLN B 112 3.89 15.15 15.19
C GLN B 112 3.51 13.92 16.00
N ALA B 113 2.65 13.05 15.45
CA ALA B 113 2.26 11.87 16.20
C ALA B 113 3.45 10.92 16.36
N ALA B 114 4.25 10.77 15.29
CA ALA B 114 5.41 9.88 15.35
C ALA B 114 6.41 10.34 16.41
N SER B 115 6.75 11.62 16.41
CA SER B 115 7.70 12.12 17.39
C SER B 115 7.18 11.88 18.81
N ALA B 116 5.89 12.07 19.04
CA ALA B 116 5.34 11.84 20.37
C ALA B 116 5.45 10.36 20.73
N ALA B 117 5.18 9.48 19.77
CA ALA B 117 5.31 8.04 20.04
C ALA B 117 6.77 7.67 20.31
N ILE B 118 7.69 8.26 19.56
CA ILE B 118 9.10 7.96 19.73
C ILE B 118 9.60 8.45 21.09
N LYS B 119 9.22 9.66 21.48
CA LYS B 119 9.59 10.14 22.81
C LYS B 119 9.09 9.19 23.89
N GLU B 120 7.81 8.80 23.84
CA GLU B 120 7.27 7.87 24.83
C GLU B 120 8.10 6.60 24.89
N TRP B 121 8.37 6.03 23.71
CA TRP B 121 9.09 4.77 23.61
C TRP B 121 10.46 4.85 24.25
N GLY B 122 11.19 5.93 23.98
CA GLY B 122 12.40 6.25 24.70
C GLY B 122 13.69 5.88 24.01
N GLN B 123 13.64 5.10 23.00
CA GLN B 123 14.81 4.67 22.26
C GLN B 123 15.14 5.66 21.14
N PRO B 124 16.40 5.72 20.71
CA PRO B 124 16.76 6.63 19.61
C PRO B 124 16.02 6.23 18.33
N LYS B 125 15.66 7.25 17.55
CA LYS B 125 14.83 6.99 16.37
C LYS B 125 15.52 6.04 15.39
N SER B 126 16.84 5.92 15.46
CA SER B 126 17.56 5.03 14.55
C SER B 126 17.28 3.55 14.80
N LYS B 127 16.65 3.19 15.91
CA LYS B 127 16.30 1.79 16.11
C LYS B 127 15.08 1.37 15.32
N ILE B 128 14.39 2.34 14.71
CA ILE B 128 13.25 2.05 13.85
C ILE B 128 13.76 1.43 12.56
N THR B 129 13.37 0.17 12.32
CA THR B 129 13.80 -0.59 11.15
C THR B 129 12.77 -0.56 10.02
N HIS B 130 11.49 -0.39 10.35
CA HIS B 130 10.40 -0.52 9.38
C HIS B 130 9.42 0.63 9.57
N LEU B 131 8.77 1.03 8.48
CA LEU B 131 7.73 2.06 8.57
C LEU B 131 6.53 1.63 7.72
N ILE B 132 5.33 1.82 8.27
CA ILE B 132 4.11 1.67 7.51
C ILE B 132 3.36 2.97 7.64
N PHE B 133 3.06 3.59 6.51
CA PHE B 133 2.31 4.82 6.49
C PHE B 133 0.99 4.56 5.77
N CYS B 134 -0.11 4.86 6.46
CA CYS B 134 -1.45 4.61 5.95
C CYS B 134 -2.18 5.94 5.87
N THR B 135 -2.83 6.19 4.74
CA THR B 135 -3.65 7.38 4.61
C THR B 135 -4.70 7.15 3.55
N THR B 136 -5.77 7.93 3.64
CA THR B 136 -6.79 8.02 2.61
C THR B 136 -6.75 9.38 1.93
N SER B 137 -5.77 10.24 2.28
CA SER B 137 -5.75 11.63 1.82
C SER B 137 -4.50 11.85 0.98
N GLY B 138 -4.66 11.80 -0.33
CA GLY B 138 -3.56 12.13 -1.22
C GLY B 138 -2.68 10.94 -1.55
N VAL B 139 -1.97 11.07 -2.68
CA VAL B 139 -1.02 10.08 -3.20
C VAL B 139 0.10 10.85 -3.89
N ASP B 140 1.32 10.29 -3.85
CA ASP B 140 2.48 10.95 -4.44
C ASP B 140 3.60 9.95 -4.60
N MET B 141 4.55 10.28 -5.48
CA MET B 141 5.79 9.50 -5.60
C MET B 141 7.01 10.44 -5.60
N PRO B 142 7.93 10.26 -4.64
CA PRO B 142 7.91 9.38 -3.46
C PRO B 142 6.68 9.64 -2.60
N GLY B 143 6.29 8.67 -1.77
CA GLY B 143 5.04 8.71 -1.05
C GLY B 143 5.16 9.40 0.30
N ALA B 144 4.04 9.40 1.02
CA ALA B 144 4.02 9.99 2.36
C ALA B 144 4.95 9.26 3.29
N ASP B 145 5.18 7.97 3.06
CA ASP B 145 6.13 7.22 3.87
C ASP B 145 7.52 7.82 3.75
N TRP B 146 7.93 8.14 2.52
CA TRP B 146 9.24 8.75 2.28
C TRP B 146 9.31 10.15 2.86
N ALA B 147 8.25 10.94 2.69
CA ALA B 147 8.25 12.29 3.26
C ALA B 147 8.33 12.24 4.77
N LEU B 148 7.66 11.25 5.41
CA LEU B 148 7.75 11.12 6.85
C LEU B 148 9.16 10.77 7.30
N ALA B 149 9.76 9.72 6.70
CA ALA B 149 11.13 9.35 7.03
C ALA B 149 12.07 10.54 6.88
N LYS B 150 11.89 11.35 5.84
CA LYS B 150 12.72 12.54 5.70
C LYS B 150 12.51 13.50 6.86
N LEU B 151 11.25 13.84 7.15
CA LEU B 151 10.96 14.73 8.27
C LEU B 151 11.56 14.23 9.58
N LEU B 152 11.47 12.93 9.84
CA LEU B 152 11.96 12.37 11.09
C LEU B 152 13.47 12.17 11.11
N GLY B 153 14.10 12.07 9.94
CA GLY B 153 15.50 11.69 9.88
C GLY B 153 15.75 10.23 10.21
N LEU B 154 14.83 9.34 9.82
CA LEU B 154 15.05 7.92 10.00
C LEU B 154 16.24 7.47 9.16
N ARG B 155 16.84 6.34 9.53
CA ARG B 155 17.93 5.74 8.74
C ARG B 155 17.50 5.54 7.28
N SER B 156 18.47 5.74 6.39
CA SER B 156 18.21 5.62 4.96
C SER B 156 17.75 4.22 4.59
N SER B 157 18.08 3.22 5.39
CA SER B 157 17.69 1.85 5.10
C SER B 157 16.43 1.40 5.84
N VAL B 158 15.59 2.34 6.30
CA VAL B 158 14.28 1.93 6.84
C VAL B 158 13.47 1.26 5.74
N LYS B 159 12.90 0.10 6.06
CA LYS B 159 12.03 -0.63 5.13
C LYS B 159 10.63 -0.04 5.20
N ARG B 160 10.21 0.65 4.13
CA ARG B 160 9.01 1.46 4.09
C ARG B 160 7.89 0.76 3.33
N LEU B 161 6.67 1.20 3.63
CA LEU B 161 5.46 0.74 2.97
C LEU B 161 4.45 1.87 3.05
N VAL B 162 3.84 2.24 1.93
CA VAL B 162 2.80 3.27 1.95
C VAL B 162 1.50 2.61 1.51
N LEU B 163 0.48 2.70 2.34
CA LEU B 163 -0.83 2.15 2.03
C LEU B 163 -1.72 3.35 1.75
N TYR B 164 -1.99 3.55 0.48
CA TYR B 164 -2.77 4.68 -0.03
C TYR B 164 -4.20 4.24 -0.27
N MET B 165 -5.12 5.21 -0.22
CA MET B 165 -6.53 4.99 -0.53
C MET B 165 -7.09 3.77 0.21
N GLN B 166 -6.78 3.68 1.50
CA GLN B 166 -7.29 2.53 2.23
C GLN B 166 -8.74 2.74 2.64
N GLY B 167 -9.05 3.86 3.27
CA GLY B 167 -10.36 4.06 3.83
C GLY B 167 -10.39 3.67 5.29
N CYS B 168 -11.61 3.59 5.84
CA CYS B 168 -11.77 3.48 7.29
C CYS B 168 -11.30 2.13 7.88
N TYR B 169 -10.95 1.13 7.08
CA TYR B 169 -10.45 -0.11 7.67
C TYR B 169 -8.93 -0.10 7.87
N GLY B 170 -8.26 1.00 7.53
CA GLY B 170 -6.81 0.97 7.47
C GLY B 170 -6.16 0.67 8.81
N GLY B 171 -6.75 1.15 9.90
CA GLY B 171 -6.21 0.88 11.22
C GLY B 171 -6.08 -0.60 11.52
N GLY B 172 -7.03 -1.41 11.05
CA GLY B 172 -6.88 -2.84 11.21
C GLY B 172 -5.80 -3.39 10.30
N THR B 173 -5.74 -2.88 9.06
CA THR B 173 -4.79 -3.40 8.08
C THR B 173 -3.34 -3.16 8.53
N VAL B 174 -3.03 -1.99 9.10
CA VAL B 174 -1.65 -1.71 9.49
C VAL B 174 -1.20 -2.69 10.58
N LEU B 175 -2.09 -3.01 11.52
CA LEU B 175 -1.77 -3.98 12.56
C LEU B 175 -1.58 -5.37 11.97
N ARG B 176 -2.44 -5.76 11.04
CA ARG B 176 -2.29 -7.07 10.41
C ARG B 176 -0.93 -7.19 9.74
N ILE B 177 -0.44 -6.11 9.14
CA ILE B 177 0.85 -6.18 8.44
C ILE B 177 1.99 -6.01 9.43
N ALA B 178 1.90 -5.03 10.33
CA ALA B 178 2.98 -4.84 11.30
C ALA B 178 3.20 -6.08 12.14
N LYS B 179 2.16 -6.91 12.34
CA LYS B 179 2.34 -8.10 13.14
C LYS B 179 3.42 -9.00 12.54
N ASP B 180 3.33 -9.27 11.23
CA ASP B 180 4.28 -10.14 10.55
C ASP B 180 5.65 -9.49 10.41
N LEU B 181 5.71 -8.18 10.13
CA LEU B 181 7.00 -7.51 10.07
C LEU B 181 7.74 -7.62 11.40
N ALA B 182 7.04 -7.37 12.50
CA ALA B 182 7.63 -7.45 13.83
C ALA B 182 8.04 -8.88 14.20
N GLU B 183 7.14 -9.84 13.94
CA GLU B 183 7.37 -11.19 14.45
C GLU B 183 8.39 -11.97 13.62
N ASN B 184 8.47 -11.69 12.32
CA ASN B 184 9.37 -12.42 11.44
C ASN B 184 10.75 -11.79 11.32
N ASN B 185 11.04 -10.71 12.05
CA ASN B 185 12.33 -10.02 11.93
C ASN B 185 12.84 -9.68 13.31
N LYS B 186 13.84 -10.43 13.77
CA LYS B 186 14.37 -10.27 15.12
C LYS B 186 14.94 -8.86 15.30
N GLY B 187 14.49 -8.17 16.35
CA GLY B 187 14.95 -6.81 16.62
C GLY B 187 14.19 -5.73 15.89
N ALA B 188 13.28 -6.10 15.00
CA ALA B 188 12.58 -5.10 14.20
C ALA B 188 11.65 -4.25 15.07
N ARG B 189 11.69 -2.94 14.83
CA ARG B 189 10.84 -1.94 15.46
C ARG B 189 10.11 -1.19 14.35
N VAL B 190 8.79 -1.29 14.35
CA VAL B 190 7.97 -0.84 13.23
C VAL B 190 7.27 0.43 13.65
N LEU B 191 7.57 1.53 12.97
CA LEU B 191 6.79 2.75 13.10
C LEU B 191 5.54 2.63 12.23
N VAL B 192 4.37 2.76 12.84
CA VAL B 192 3.08 2.66 12.16
C VAL B 192 2.40 4.02 12.28
N VAL B 193 2.07 4.62 11.14
CA VAL B 193 1.43 5.94 11.16
C VAL B 193 0.17 5.90 10.30
N CYS B 194 -0.94 6.38 10.87
CA CYS B 194 -2.15 6.65 10.13
C CYS B 194 -2.43 8.14 10.24
N SER B 195 -2.49 8.82 9.10
CA SER B 195 -2.64 10.28 9.06
C SER B 195 -3.71 10.61 8.04
N GLU B 196 -4.73 11.36 8.47
CA GLU B 196 -5.91 11.60 7.65
C GLU B 196 -6.31 13.07 7.74
N ILE B 197 -6.53 13.70 6.59
CA ILE B 197 -6.84 15.13 6.50
C ILE B 197 -7.95 15.33 5.48
N THR B 198 -9.10 15.86 5.93
CA THR B 198 -10.32 15.93 5.13
C THR B 198 -10.27 16.97 4.03
N ALA B 199 -9.20 17.73 3.88
CA ALA B 199 -9.12 18.65 2.76
C ALA B 199 -9.22 17.93 1.40
N ILE B 200 -9.03 16.61 1.37
CA ILE B 200 -9.06 15.88 0.12
C ILE B 200 -10.50 15.64 -0.35
N THR B 201 -11.47 15.59 0.57
CA THR B 201 -12.88 15.33 0.24
C THR B 201 -13.80 16.52 0.43
N PHE B 202 -13.40 17.50 1.22
CA PHE B 202 -14.30 18.58 1.58
C PHE B 202 -14.86 19.23 0.32
N ARG B 203 -16.19 19.30 0.23
CA ARG B 203 -16.81 20.05 -0.85
C ARG B 203 -18.15 20.59 -0.38
N GLY B 204 -18.70 21.51 -1.16
CA GLY B 204 -20.00 22.07 -0.90
C GLY B 204 -21.10 21.04 -0.90
N PRO B 205 -22.27 21.43 -0.40
CA PRO B 205 -23.40 20.50 -0.33
C PRO B 205 -24.23 20.50 -1.61
N SER B 206 -24.94 19.40 -1.83
CA SER B 206 -25.85 19.26 -2.96
C SER B 206 -26.96 18.27 -2.60
N ASP B 207 -28.20 18.60 -3.01
CA ASP B 207 -29.32 17.75 -2.64
C ASP B 207 -29.39 16.45 -3.43
N THR B 208 -28.56 16.28 -4.44
CA THR B 208 -28.48 15.03 -5.18
C THR B 208 -27.41 14.08 -4.65
N HIS B 209 -26.64 14.50 -3.64
CA HIS B 209 -25.54 13.70 -3.14
C HIS B 209 -25.51 13.82 -1.62
N LEU B 210 -26.44 13.10 -0.98
CA LEU B 210 -26.64 13.24 0.45
C LEU B 210 -25.81 12.26 1.25
N ASP B 211 -25.34 11.17 0.65
CA ASP B 211 -24.34 10.37 1.36
C ASP B 211 -23.07 11.19 1.61
N SER B 212 -22.71 12.08 0.68
CA SER B 212 -21.55 12.95 0.91
C SER B 212 -21.81 13.93 2.04
N LEU B 213 -23.06 14.35 2.19
CA LEU B 213 -23.44 15.16 3.35
C LEU B 213 -23.06 14.46 4.64
N VAL B 214 -23.30 13.16 4.71
CA VAL B 214 -23.00 12.41 5.92
C VAL B 214 -21.52 12.53 6.25
N GLY B 215 -20.66 12.44 5.22
CA GLY B 215 -19.24 12.66 5.44
C GLY B 215 -18.94 14.02 6.04
N GLN B 216 -19.68 15.05 5.61
CA GLN B 216 -19.46 16.38 6.18
C GLN B 216 -19.85 16.44 7.64
N ALA B 217 -20.72 15.55 8.11
CA ALA B 217 -21.10 15.59 9.51
C ALA B 217 -20.12 14.86 10.41
N LEU B 218 -19.38 13.89 9.87
CA LEU B 218 -18.70 12.91 10.70
C LEU B 218 -17.19 12.91 10.59
N PHE B 219 -16.63 13.35 9.46
CA PHE B 219 -15.21 13.15 9.19
C PHE B 219 -14.35 14.25 9.82
N GLY B 220 -13.37 13.85 10.61
CA GLY B 220 -12.37 14.74 11.14
C GLY B 220 -10.96 14.33 10.75
N ASP B 221 -10.01 15.18 11.14
CA ASP B 221 -8.60 15.02 10.81
C ASP B 221 -7.82 14.50 12.01
N GLY B 222 -6.82 13.68 11.75
CA GLY B 222 -5.97 13.22 12.84
C GLY B 222 -4.89 12.30 12.32
N ALA B 223 -3.84 12.18 13.13
CA ALA B 223 -2.78 11.21 12.89
C ALA B 223 -2.49 10.48 14.19
N SER B 224 -2.21 9.19 14.07
CA SER B 224 -1.75 8.40 15.19
C SER B 224 -0.57 7.56 14.75
N ALA B 225 0.30 7.24 15.71
CA ALA B 225 1.55 6.55 15.46
C ALA B 225 1.78 5.50 16.54
N LEU B 226 2.27 4.34 16.11
CA LEU B 226 2.63 3.26 17.01
C LEU B 226 4.09 2.88 16.81
N ILE B 227 4.72 2.43 17.88
CA ILE B 227 5.91 1.59 17.78
C ILE B 227 5.47 0.16 18.04
N VAL B 228 5.66 -0.72 17.06
CA VAL B 228 5.32 -2.12 17.18
C VAL B 228 6.58 -2.97 17.11
N GLY B 229 6.71 -3.93 18.02
CA GLY B 229 7.88 -4.80 18.03
C GLY B 229 7.62 -6.04 18.85
N SER B 230 8.30 -7.12 18.48
CA SER B 230 8.31 -8.33 19.28
C SER B 230 9.47 -8.32 20.26
N ASP B 231 9.28 -9.02 21.39
CA ASP B 231 10.30 -9.21 22.41
C ASP B 231 10.76 -7.88 23.01
N PRO B 232 9.89 -7.13 23.68
CA PRO B 232 10.32 -5.88 24.32
C PRO B 232 11.44 -6.15 25.31
N VAL B 233 12.45 -5.27 25.32
CA VAL B 233 13.56 -5.44 26.27
C VAL B 233 13.05 -5.21 27.68
N PRO B 234 13.26 -6.15 28.59
CA PRO B 234 12.65 -6.05 29.93
C PRO B 234 13.16 -4.84 30.69
N ALA B 235 12.27 -4.19 31.43
CA ALA B 235 12.55 -2.99 32.21
C ALA B 235 13.09 -1.84 31.36
N VAL B 236 13.01 -1.95 30.03
CA VAL B 236 13.53 -0.94 29.11
C VAL B 236 12.42 -0.49 28.18
N GLU B 237 11.81 -1.43 27.48
CA GLU B 237 10.65 -1.18 26.64
C GLU B 237 9.41 -1.67 27.37
N ARG B 238 8.27 -1.09 27.02
CA ARG B 238 7.05 -1.46 27.71
C ARG B 238 5.94 -1.74 26.71
N ALA B 239 5.33 -2.91 26.84
CA ALA B 239 4.24 -3.31 25.95
C ALA B 239 2.91 -2.85 26.53
N TRP B 240 2.01 -2.42 25.64
CA TRP B 240 0.69 -1.99 26.04
C TRP B 240 -0.44 -2.89 25.53
N PHE B 241 -0.24 -3.48 24.35
CA PHE B 241 -1.17 -4.44 23.74
C PHE B 241 -0.35 -5.39 22.90
N GLU B 242 -0.79 -6.65 22.86
CA GLU B 242 -0.19 -7.66 22.02
C GLU B 242 -1.15 -8.07 20.92
N LEU B 243 -0.62 -8.22 19.69
CA LEU B 243 -1.41 -8.70 18.55
C LEU B 243 -1.27 -10.22 18.48
N HIS B 244 -2.41 -10.93 18.50
CA HIS B 244 -2.38 -12.39 18.51
C HIS B 244 -3.10 -13.06 17.34
N TRP B 245 -4.13 -12.43 16.73
CA TRP B 245 -4.86 -13.07 15.65
C TRP B 245 -5.47 -11.99 14.77
N THR B 246 -5.42 -12.19 13.45
CA THR B 246 -5.93 -11.21 12.49
C THR B 246 -6.84 -11.91 11.48
N GLY B 247 -7.91 -11.23 11.09
CA GLY B 247 -8.77 -11.73 10.04
C GLY B 247 -9.29 -10.57 9.22
N SER B 248 -9.55 -10.83 7.95
CA SER B 248 -10.12 -9.85 7.05
C SER B 248 -11.29 -10.50 6.33
N ASP B 249 -12.35 -9.71 6.06
CA ASP B 249 -13.58 -10.26 5.48
C ASP B 249 -14.28 -9.23 4.60
N ILE B 250 -14.70 -9.66 3.42
CA ILE B 250 -15.68 -8.93 2.63
C ILE B 250 -17.06 -9.41 3.08
N LEU B 251 -17.88 -8.48 3.58
CA LEU B 251 -19.18 -8.85 4.09
C LEU B 251 -20.11 -9.23 2.93
N PRO B 252 -21.04 -10.18 3.17
CA PRO B 252 -21.93 -10.61 2.08
C PRO B 252 -22.89 -9.51 1.66
N ASN B 253 -23.22 -9.51 0.38
CA ASN B 253 -24.20 -8.58 -0.19
C ASN B 253 -23.85 -7.14 0.19
N SER B 254 -22.57 -6.80 0.07
CA SER B 254 -22.10 -5.47 0.42
C SER B 254 -21.44 -4.78 -0.76
N ASP B 255 -21.59 -5.34 -1.96
CA ASP B 255 -20.97 -4.77 -3.15
C ASP B 255 -21.44 -3.34 -3.35
N GLY B 256 -20.50 -2.39 -3.31
CA GLY B 256 -20.82 -0.99 -3.50
C GLY B 256 -21.35 -0.25 -2.28
N ALA B 257 -21.25 -0.85 -1.10
CA ALA B 257 -21.78 -0.20 0.09
C ALA B 257 -20.97 1.03 0.49
N ILE B 258 -19.66 0.99 0.26
CA ILE B 258 -18.75 2.09 0.60
C ILE B 258 -17.76 2.20 -0.56
N ASP B 259 -17.89 3.26 -1.36
CA ASP B 259 -16.99 3.52 -2.47
C ASP B 259 -16.35 4.89 -2.31
N GLY B 260 -15.12 5.02 -2.81
CA GLY B 260 -14.46 6.30 -2.95
C GLY B 260 -13.59 6.36 -4.18
N HIS B 261 -13.68 7.45 -4.96
CA HIS B 261 -12.90 7.62 -6.17
C HIS B 261 -12.08 8.90 -6.10
N LEU B 262 -10.85 8.85 -6.59
CA LEU B 262 -10.02 10.05 -6.69
C LEU B 262 -10.26 10.65 -8.07
N LYS B 263 -11.07 11.69 -8.10
CA LYS B 263 -11.46 12.36 -9.33
C LYS B 263 -10.83 13.75 -9.38
N GLU B 264 -11.03 14.41 -10.52
CA GLU B 264 -10.46 15.74 -10.69
C GLU B 264 -11.11 16.79 -9.79
N VAL B 265 -12.29 16.50 -9.22
CA VAL B 265 -12.90 17.36 -8.20
C VAL B 265 -12.48 16.87 -6.81
N GLY B 266 -11.47 16.00 -6.76
CA GLY B 266 -10.98 15.49 -5.49
C GLY B 266 -11.58 14.15 -5.14
N LEU B 267 -11.40 13.76 -3.88
CA LEU B 267 -11.87 12.46 -3.41
C LEU B 267 -13.37 12.49 -3.15
N THR B 268 -14.07 11.53 -3.73
CA THR B 268 -15.52 11.48 -3.70
C THR B 268 -16.00 10.25 -2.94
N PHE B 269 -17.13 10.40 -2.27
CA PHE B 269 -17.54 9.52 -1.19
C PHE B 269 -18.96 9.02 -1.46
N HIS B 270 -19.14 7.70 -1.42
CA HIS B 270 -20.43 7.07 -1.70
C HIS B 270 -20.74 6.09 -0.59
N LEU B 271 -21.89 6.28 0.06
CA LEU B 271 -22.20 5.60 1.31
C LEU B 271 -23.65 5.14 1.28
N MET B 272 -23.88 3.83 1.22
CA MET B 272 -25.23 3.29 1.20
C MET B 272 -25.84 3.28 2.60
N LYS B 273 -27.16 3.47 2.66
CA LYS B 273 -27.85 3.61 3.94
C LYS B 273 -27.90 2.30 4.72
N ASP B 274 -27.67 1.16 4.07
CA ASP B 274 -27.70 -0.09 4.81
C ASP B 274 -26.32 -0.50 5.34
N VAL B 275 -25.32 0.38 5.28
CA VAL B 275 -24.01 0.06 5.89
C VAL B 275 -24.15 -0.43 7.32
N PRO B 276 -24.91 0.23 8.22
CA PRO B 276 -25.02 -0.30 9.59
C PRO B 276 -25.71 -1.66 9.66
N ALA B 277 -26.76 -1.90 8.86
CA ALA B 277 -27.38 -3.23 8.84
C ALA B 277 -26.39 -4.29 8.37
N ILE B 278 -25.64 -4.00 7.28
CA ILE B 278 -24.67 -4.96 6.74
C ILE B 278 -23.66 -5.35 7.80
N ILE B 279 -23.08 -4.36 8.47
CA ILE B 279 -22.07 -4.63 9.48
C ILE B 279 -22.68 -5.35 10.66
N SER B 280 -23.77 -4.81 11.21
CA SER B 280 -24.30 -5.35 12.47
C SER B 280 -24.89 -6.75 12.30
N LYS B 281 -25.40 -7.08 11.11
CA LYS B 281 -25.99 -8.40 10.92
C LYS B 281 -24.94 -9.48 10.62
N ASN B 282 -23.73 -9.11 10.26
CA ASN B 282 -22.69 -10.10 9.97
C ASN B 282 -21.56 -10.14 10.99
N ILE B 283 -21.47 -9.16 11.89
CA ILE B 283 -20.27 -9.09 12.71
C ILE B 283 -20.22 -10.24 13.72
N GLY B 284 -21.37 -10.68 14.21
CA GLY B 284 -21.39 -11.72 15.22
C GLY B 284 -20.74 -13.01 14.75
N GLY B 285 -21.09 -13.46 13.55
CA GLY B 285 -20.45 -14.67 13.02
C GLY B 285 -18.95 -14.49 12.81
N ILE B 286 -18.53 -13.29 12.41
CA ILE B 286 -17.11 -13.01 12.24
C ILE B 286 -16.39 -13.13 13.57
N LEU B 287 -16.92 -12.47 14.61
CA LEU B 287 -16.27 -12.51 15.93
C LEU B 287 -16.32 -13.92 16.54
N LYS B 288 -17.46 -14.60 16.39
CA LYS B 288 -17.56 -15.97 16.88
C LYS B 288 -16.51 -16.87 16.24
N ASP B 289 -16.35 -16.76 14.91
CA ASP B 289 -15.31 -17.51 14.21
C ASP B 289 -13.93 -17.17 14.73
N ALA B 290 -13.60 -15.88 14.77
CA ALA B 290 -12.30 -15.45 15.27
C ALA B 290 -12.05 -16.02 16.66
N LEU B 291 -13.00 -15.83 17.57
CA LEU B 291 -12.78 -16.27 18.95
C LEU B 291 -12.64 -17.78 19.03
N ALA B 292 -13.39 -18.51 18.19
CA ALA B 292 -13.23 -19.96 18.14
C ALA B 292 -11.82 -20.36 17.68
N LYS B 293 -11.24 -19.59 16.74
CA LYS B 293 -9.87 -19.87 16.30
C LYS B 293 -8.86 -19.60 17.42
N VAL B 294 -9.09 -18.51 18.18
CA VAL B 294 -8.12 -18.12 19.21
C VAL B 294 -8.22 -19.04 20.41
N PHE B 295 -9.42 -19.52 20.73
CA PHE B 295 -9.66 -20.35 21.91
C PHE B 295 -10.33 -21.64 21.46
N PRO B 296 -9.60 -22.52 20.80
CA PRO B 296 -10.19 -23.77 20.31
C PRO B 296 -10.37 -24.77 21.44
N ALA B 297 -11.39 -25.61 21.28
CA ALA B 297 -11.52 -26.79 22.13
C ALA B 297 -10.77 -27.94 21.49
N ALA B 298 -10.31 -28.88 22.31
CA ALA B 298 -9.58 -30.04 21.79
C ALA B 298 -9.78 -31.28 22.64
N ALA B 311 -9.11 -27.02 27.87
CA ALA B 311 -8.96 -25.82 27.06
C ALA B 311 -10.06 -24.82 27.37
N PRO B 312 -9.67 -23.56 27.62
CA PRO B 312 -10.63 -22.55 28.08
C PRO B 312 -11.57 -22.14 26.97
N PRO B 313 -12.76 -21.63 27.31
CA PRO B 313 -13.68 -21.14 26.28
C PRO B 313 -13.41 -19.67 26.02
N PRO B 314 -13.89 -19.13 24.91
CA PRO B 314 -13.67 -17.70 24.64
C PRO B 314 -14.39 -16.86 25.68
N PRO B 315 -13.81 -15.73 26.07
CA PRO B 315 -14.53 -14.83 26.97
C PRO B 315 -15.83 -14.37 26.32
N THR B 316 -16.78 -13.98 27.17
CA THR B 316 -17.98 -13.35 26.67
C THR B 316 -17.62 -11.99 26.08
N TYR B 317 -18.50 -11.52 25.18
CA TYR B 317 -18.34 -10.19 24.60
C TYR B 317 -18.14 -9.14 25.68
N ASN B 318 -18.86 -9.29 26.80
CA ASN B 318 -18.77 -8.30 27.87
C ASN B 318 -17.47 -8.39 28.68
N ASP B 319 -16.75 -9.51 28.60
CA ASP B 319 -15.45 -9.63 29.25
C ASP B 319 -14.29 -9.36 28.29
N LEU B 320 -14.58 -8.89 27.08
CA LEU B 320 -13.58 -8.38 26.15
C LEU B 320 -13.53 -6.85 26.24
N PHE B 321 -12.38 -6.27 25.89
CA PHE B 321 -12.33 -4.83 25.66
C PHE B 321 -12.49 -4.56 24.16
N TRP B 322 -13.03 -3.39 23.84
CA TRP B 322 -13.57 -3.13 22.51
C TRP B 322 -12.96 -1.86 21.91
N ILE B 323 -12.20 -2.02 20.83
CA ILE B 323 -11.62 -0.90 20.09
C ILE B 323 -12.23 -0.94 18.69
N THR B 324 -13.34 -0.23 18.53
CA THR B 324 -14.21 -0.37 17.35
C THR B 324 -14.20 0.90 16.53
N HIS B 325 -13.99 0.80 15.23
CA HIS B 325 -13.99 1.99 14.40
C HIS B 325 -15.38 2.61 14.39
N PRO B 326 -15.53 3.79 14.81
CA PRO B 326 -16.87 4.39 14.86
C PRO B 326 -17.23 5.03 13.53
N GLY B 327 -17.53 4.19 12.53
CA GLY B 327 -17.94 4.73 11.25
C GLY B 327 -19.04 5.76 11.41
N GLY B 328 -19.91 5.55 12.39
CA GLY B 328 -20.93 6.49 12.79
C GLY B 328 -21.69 5.90 13.95
N PRO B 329 -22.52 6.71 14.61
CA PRO B 329 -23.26 6.19 15.78
C PRO B 329 -24.19 5.04 15.42
N ALA B 330 -24.80 5.07 14.23
CA ALA B 330 -25.75 4.01 13.92
C ALA B 330 -25.04 2.67 13.73
N ILE B 331 -23.79 2.69 13.27
CA ILE B 331 -23.00 1.45 13.26
C ILE B 331 -22.79 0.95 14.68
N LEU B 332 -22.25 1.82 15.55
CA LEU B 332 -21.98 1.42 16.93
C LEU B 332 -23.25 0.93 17.61
N ASP B 333 -24.36 1.65 17.46
CA ASP B 333 -25.58 1.29 18.15
C ASP B 333 -26.13 -0.05 17.66
N GLN B 334 -26.05 -0.32 16.35
CA GLN B 334 -26.66 -1.53 15.84
C GLN B 334 -25.78 -2.75 16.12
N VAL B 335 -24.46 -2.55 16.08
CA VAL B 335 -23.55 -3.60 16.56
C VAL B 335 -23.81 -3.90 18.03
N GLU B 336 -23.84 -2.85 18.86
CA GLU B 336 -24.11 -3.03 20.29
C GLU B 336 -25.43 -3.79 20.50
N ASP B 337 -26.46 -3.43 19.73
CA ASP B 337 -27.75 -4.10 19.88
C ASP B 337 -27.69 -5.54 19.38
N ARG B 338 -27.09 -5.78 18.21
CA ARG B 338 -27.10 -7.13 17.64
C ARG B 338 -26.32 -8.12 18.49
N LEU B 339 -25.18 -7.69 19.04
CA LEU B 339 -24.32 -8.53 19.86
C LEU B 339 -24.71 -8.56 21.33
N GLY B 340 -25.69 -7.77 21.75
CA GLY B 340 -26.07 -7.75 23.16
C GLY B 340 -24.99 -7.19 24.07
N LEU B 341 -24.24 -6.19 23.60
CA LEU B 341 -23.15 -5.63 24.39
C LEU B 341 -23.70 -4.78 25.51
N ARG B 342 -23.17 -4.98 26.72
CA ARG B 342 -23.45 -4.07 27.82
C ARG B 342 -23.09 -2.64 27.40
N LYS B 343 -23.85 -1.67 27.90
CA LYS B 343 -23.76 -0.32 27.34
C LYS B 343 -22.41 0.34 27.60
N ASP B 344 -21.59 -0.16 28.53
CA ASP B 344 -20.30 0.47 28.80
C ASP B 344 -19.20 -0.01 27.86
N LYS B 345 -19.47 -1.00 27.01
CA LYS B 345 -18.40 -1.64 26.25
C LYS B 345 -17.82 -0.72 25.20
N LEU B 346 -18.67 0.06 24.51
CA LEU B 346 -18.21 0.95 23.45
C LEU B 346 -17.88 2.35 23.97
N ALA B 347 -17.64 2.50 25.27
CA ALA B 347 -17.45 3.82 25.87
C ALA B 347 -16.17 4.50 25.39
N SER B 348 -15.03 3.79 25.43
CA SER B 348 -13.79 4.38 24.94
C SER B 348 -13.94 4.73 23.47
N THR B 349 -14.53 3.82 22.69
CA THR B 349 -14.81 4.08 21.28
C THR B 349 -15.64 5.35 21.12
N ARG B 350 -16.71 5.47 21.89
CA ARG B 350 -17.63 6.60 21.70
C ARG B 350 -17.03 7.91 22.19
N ALA B 351 -16.11 7.86 23.17
CA ALA B 351 -15.43 9.08 23.60
C ALA B 351 -14.59 9.68 22.47
N VAL B 352 -13.94 8.83 21.66
CA VAL B 352 -13.10 9.37 20.59
C VAL B 352 -13.96 9.95 19.47
N LEU B 353 -15.07 9.29 19.12
CA LEU B 353 -15.98 9.84 18.12
C LEU B 353 -16.55 11.18 18.59
N ASP B 354 -16.81 11.29 19.90
CA ASP B 354 -17.38 12.52 20.42
C ASP B 354 -16.42 13.69 20.30
N GLN B 355 -15.14 13.48 20.61
CA GLN B 355 -14.16 14.56 20.66
C GLN B 355 -13.35 14.73 19.40
N PHE B 356 -13.47 13.81 18.43
CA PHE B 356 -12.61 13.83 17.25
C PHE B 356 -13.32 13.51 15.94
N GLY B 357 -14.53 12.92 15.97
CA GLY B 357 -15.18 12.48 14.75
C GLY B 357 -14.59 11.18 14.22
N ASN B 358 -15.03 10.83 13.01
CA ASN B 358 -14.51 9.67 12.31
C ASN B 358 -13.25 10.12 11.59
N MET B 359 -12.08 9.71 12.11
CA MET B 359 -10.80 10.06 11.49
C MET B 359 -10.29 8.96 10.57
N SER B 360 -11.20 8.19 9.98
CA SER B 360 -10.88 7.13 9.04
C SER B 360 -9.85 6.23 9.72
N SER B 361 -8.72 5.91 9.06
CA SER B 361 -7.84 4.84 9.52
C SER B 361 -7.17 5.15 10.86
N ALA B 362 -6.93 6.43 11.18
CA ALA B 362 -6.32 6.78 12.46
C ALA B 362 -7.21 6.48 13.68
N THR B 363 -8.53 6.37 13.50
CA THR B 363 -9.45 6.47 14.64
C THR B 363 -9.22 5.37 15.68
N VAL B 364 -9.13 4.11 15.23
CA VAL B 364 -9.00 3.01 16.20
C VAL B 364 -7.75 3.17 17.06
N LEU B 365 -6.71 3.85 16.55
CA LEU B 365 -5.50 4.01 17.37
C LEU B 365 -5.66 5.12 18.41
N PHE B 366 -6.43 6.17 18.09
CA PHE B 366 -6.85 7.11 19.14
C PHE B 366 -7.60 6.38 20.23
N ILE B 367 -8.56 5.53 19.84
CA ILE B 367 -9.35 4.78 20.81
C ILE B 367 -8.44 3.92 21.69
N MET B 368 -7.56 3.14 21.06
CA MET B 368 -6.55 2.39 21.79
C MET B 368 -5.73 3.27 22.73
N ASP B 369 -5.34 4.46 22.27
CA ASP B 369 -4.65 5.39 23.16
C ASP B 369 -5.57 5.82 24.28
N GLU B 370 -6.85 6.09 23.96
CA GLU B 370 -7.78 6.52 25.00
C GLU B 370 -7.98 5.43 26.05
N MET B 371 -8.12 4.19 25.60
CA MET B 371 -8.38 3.08 26.52
C MET B 371 -7.22 2.88 27.50
N ARG B 372 -5.98 2.84 27.00
CA ARG B 372 -4.85 2.62 27.90
C ARG B 372 -4.69 3.78 28.86
N LYS B 373 -4.92 5.00 28.38
CA LYS B 373 -4.78 6.17 29.25
C LYS B 373 -5.83 6.16 30.35
N ARG B 374 -7.07 5.76 30.05
CA ARG B 374 -8.10 5.65 31.08
C ARG B 374 -7.77 4.55 32.06
N SER B 375 -7.35 3.39 31.53
CA SER B 375 -7.03 2.25 32.38
C SER B 375 -5.97 2.63 33.40
N VAL B 376 -4.94 3.37 32.95
CA VAL B 376 -3.88 3.79 33.85
C VAL B 376 -4.40 4.81 34.86
N GLU B 377 -5.15 5.80 34.36
CA GLU B 377 -5.66 6.88 35.23
C GLU B 377 -6.56 6.32 36.31
N GLN B 378 -7.43 5.38 35.96
CA GLN B 378 -8.40 4.84 36.91
C GLN B 378 -7.89 3.61 37.62
N GLN B 379 -6.66 3.19 37.33
CA GLN B 379 -6.00 2.09 38.04
C GLN B 379 -6.75 0.78 37.88
N LEU B 380 -7.19 0.51 36.67
CA LEU B 380 -7.69 -0.83 36.39
C LEU B 380 -6.51 -1.79 36.30
N GLY B 381 -6.80 -3.08 36.26
CA GLY B 381 -5.72 -4.04 36.37
C GLY B 381 -4.94 -4.30 35.09
N THR B 382 -5.47 -3.86 33.94
CA THR B 382 -4.83 -4.09 32.66
C THR B 382 -5.02 -2.86 31.79
N THR B 383 -4.20 -2.76 30.73
CA THR B 383 -4.34 -1.69 29.75
C THR B 383 -5.65 -1.77 28.97
N GLY B 384 -6.38 -2.88 29.05
CA GLY B 384 -7.65 -2.99 28.38
C GLY B 384 -8.82 -2.90 29.34
N GLU B 385 -8.87 -1.85 30.14
CA GLU B 385 -9.97 -1.60 31.08
C GLU B 385 -10.16 -2.75 32.06
N GLY B 386 -9.11 -3.50 32.39
CA GLY B 386 -9.26 -4.60 33.33
C GLY B 386 -9.56 -5.95 32.70
N HIS B 387 -9.84 -5.99 31.40
CA HIS B 387 -10.01 -7.24 30.68
C HIS B 387 -8.71 -7.69 30.01
N GLU B 388 -8.55 -9.02 29.91
CA GLU B 388 -7.36 -9.61 29.33
C GLU B 388 -7.36 -9.50 27.80
N TRP B 389 -8.41 -10.02 27.16
CA TRP B 389 -8.50 -10.08 25.71
C TRP B 389 -9.44 -9.00 25.18
N GLY B 390 -9.21 -8.62 23.92
CA GLY B 390 -10.03 -7.59 23.30
C GLY B 390 -10.03 -7.68 21.79
N LEU B 391 -10.87 -6.85 21.20
CA LEU B 391 -11.11 -6.83 19.76
C LEU B 391 -10.90 -5.42 19.21
N LEU B 392 -10.09 -5.32 18.16
CA LEU B 392 -10.03 -4.12 17.33
C LEU B 392 -10.68 -4.45 15.99
N LEU B 393 -11.64 -3.62 15.59
CA LEU B 393 -12.38 -3.78 14.35
C LEU B 393 -12.27 -2.52 13.51
N GLY B 394 -12.02 -2.69 12.22
CA GLY B 394 -12.10 -1.60 11.26
C GLY B 394 -13.02 -1.97 10.11
N PHE B 395 -13.79 -1.00 9.67
CA PHE B 395 -14.79 -1.17 8.66
C PHE B 395 -14.55 -0.11 7.60
N GLY B 396 -14.54 -0.52 6.34
CA GLY B 396 -14.34 0.35 5.22
C GLY B 396 -14.73 -0.26 3.90
N PRO B 397 -14.35 0.35 2.81
CA PRO B 397 -14.73 -0.10 1.47
C PRO B 397 -14.47 -1.54 1.19
N GLY B 398 -15.44 -2.16 0.57
CA GLY B 398 -15.43 -3.58 0.37
C GLY B 398 -16.75 -4.31 0.21
N LEU B 399 -17.62 -4.30 1.21
CA LEU B 399 -17.35 -3.85 2.57
C LEU B 399 -16.42 -4.75 3.38
N THR B 400 -15.28 -4.17 3.70
CA THR B 400 -14.18 -4.85 4.32
C THR B 400 -14.24 -4.75 5.82
N CYS B 401 -14.15 -5.87 6.47
CA CYS B 401 -14.00 -5.93 7.90
C CYS B 401 -12.66 -6.50 8.29
N GLU B 402 -11.92 -5.74 9.07
CA GLU B 402 -10.68 -6.16 9.66
C GLU B 402 -10.83 -6.48 11.13
N THR B 403 -10.39 -7.64 11.52
CA THR B 403 -10.54 -8.08 12.90
C THR B 403 -9.15 -8.33 13.47
N VAL B 404 -8.85 -7.74 14.62
CA VAL B 404 -7.58 -8.01 15.30
C VAL B 404 -7.92 -8.40 16.73
N VAL B 405 -7.58 -9.62 17.12
CA VAL B 405 -7.71 -10.04 18.51
C VAL B 405 -6.47 -9.58 19.25
N LEU B 406 -6.67 -8.72 20.24
CA LEU B 406 -5.63 -8.12 21.05
C LEU B 406 -5.57 -8.79 22.41
N ARG B 407 -4.40 -8.75 23.03
CA ARG B 407 -4.28 -9.00 24.45
C ARG B 407 -3.72 -7.77 25.13
N SER B 408 -4.26 -7.45 26.30
CA SER B 408 -3.79 -6.34 27.10
C SER B 408 -2.60 -6.78 27.96
N VAL B 409 -2.08 -5.85 28.74
CA VAL B 409 -0.91 -6.11 29.59
C VAL B 409 -1.31 -5.69 31.00
N PRO B 410 -0.93 -6.42 32.05
CA PRO B 410 -1.37 -6.04 33.39
C PRO B 410 -0.65 -4.80 33.87
N LEU B 411 -1.32 -4.03 34.72
CA LEU B 411 -0.83 -2.74 35.19
C LEU B 411 -0.35 -2.85 36.63
N VAL B 412 0.86 -2.33 36.88
CA VAL B 412 1.49 -2.23 38.21
C VAL B 412 1.17 -3.43 39.10
C1 KML C . 6.24 6.17 -13.21
C2 KML C . 6.52 4.87 -13.19
C3 KML C . 4.56 4.34 -14.44
C4 KML C . 4.12 3.20 -15.42
O1 KML C . 5.77 3.93 -13.96
O2 KML C . 9.37 4.73 -10.87
O3 KML C . 6.56 8.49 -12.53
O KML C . 5.38 7.93 -14.60
C KML C . 5.07 6.68 -14.05
C10 KML C . 4.74 5.64 -15.12
C9 KML C . 5.08 2.54 -16.17
C8 KML C . 4.71 1.52 -17.02
C7 KML C . 3.39 1.20 -17.10
C6 KML C . 2.42 1.87 -16.34
C5 KML C . 2.80 2.85 -15.52
C11 KML C . 7.56 4.39 -12.41
C12 KML C . 8.27 5.25 -11.68
C13 KML C . 7.96 6.61 -11.69
C14 KML C . 6.95 7.05 -12.45
N1A COA D . 15.64 13.96 -19.35
C2A COA D . 15.62 14.58 -20.51
N3A COA D . 16.27 14.16 -21.59
C4A COA D . 17.02 13.06 -21.56
C5A COA D . 17.10 12.34 -20.32
C6A COA D . 16.36 12.86 -19.19
N6A COA D . 16.41 12.22 -18.03
N7A COA D . 17.88 11.31 -20.52
C8A COA D . 18.29 11.35 -21.79
N9A COA D . 17.77 12.40 -22.41
C1B COA D . 18.02 12.74 -23.80
C2B COA D . 19.35 13.42 -23.92
O2B COA D . 19.30 14.79 -23.57
C3B COA D . 19.71 13.16 -25.37
O3B COA D . 19.28 14.21 -26.20
P3B COA D . 20.28 14.81 -27.26
O7A COA D . 21.45 15.13 -26.40
O8A COA D . 20.49 13.72 -28.23
O9A COA D . 19.50 15.93 -27.80
C4B COA D . 18.91 11.93 -25.71
O4B COA D . 18.26 11.57 -24.51
C5B COA D . 19.79 10.82 -26.22
O5B COA D . 20.80 10.54 -25.28
P1A COA D . 22.08 9.78 -25.76
O1A COA D . 23.15 10.10 -24.79
O2A COA D . 22.19 10.07 -27.18
O3A COA D . 21.73 8.24 -25.66
P2A COA D . 21.64 7.45 -24.29
O4A COA D . 21.72 8.39 -23.17
O5A COA D . 22.55 6.29 -24.33
O6A COA D . 20.17 6.89 -24.42
CBP COA D . 18.48 6.95 -22.75
CCP COA D . 19.55 6.09 -23.41
CDP COA D . 17.75 5.96 -23.64
CEP COA D . 17.11 6.84 -22.11
CAP COA D . 19.33 6.56 -21.52
OAP COA D . 19.83 7.78 -21.03
C9P COA D . 18.80 5.69 -20.37
O9P COA D . 18.79 4.51 -20.44
N8P COA D . 18.33 6.32 -19.33
C7P COA D . 17.88 5.64 -18.13
C6P COA D . 16.42 5.84 -17.78
C5P COA D . 16.26 6.53 -16.44
O5P COA D . 16.60 7.67 -16.29
N4P COA D . 15.73 5.90 -15.44
C3P COA D . 14.67 4.96 -15.60
C2P COA D . 13.76 4.96 -14.39
S1P COA D . 12.33 4.09 -13.66
S1P COA D . 12.37 6.02 -14.13
C1 KML E . -13.48 8.09 2.52
C2 KML E . -12.99 7.77 3.71
C3 KML E . -11.69 9.77 3.81
C4 KML E . -11.17 10.71 4.95
O1 KML E . -12.19 8.67 4.45
O2 KML E . -14.24 4.36 4.22
O3 KML E . -14.74 7.66 0.50
O KML E . -14.23 9.92 1.12
C KML E . -13.17 9.47 1.91
C10 KML E . -12.81 10.40 3.08
C9 KML E . -11.80 10.71 6.17
C8 KML E . -11.36 11.52 7.21
C7 KML E . -10.25 12.31 6.97
C6 KML E . -9.59 12.29 5.72
C5 KML E . -10.06 11.50 4.74
C11 KML E . -13.25 6.54 4.24
C12 KML E . -13.99 5.67 3.57
C13 KML E . -14.50 6.00 2.33
C14 KML E . -14.24 7.20 1.81
N1A COA F . -26.98 8.62 2.62
C2A COA F . -27.83 9.61 2.54
N3A COA F . -28.54 10.04 3.58
C4A COA F . -28.43 9.52 4.79
C5A COA F . -27.51 8.42 4.95
C6A COA F . -26.76 7.99 3.77
N6A COA F . -25.90 6.98 3.88
N7A COA F . -27.57 8.06 6.19
C8A COA F . -28.46 8.84 6.80
N9A COA F . -28.97 9.71 5.96
C1B COA F . -29.97 10.71 6.28
C2B COA F . -31.35 10.15 6.52
O2B COA F . -32.03 9.78 5.33
C3B COA F . -32.01 11.30 7.23
O3B COA F . -32.58 12.23 6.32
P3B COA F . -34.00 12.82 6.69
O7A COA F . -34.86 11.63 6.60
O8A COA F . -33.84 13.35 8.04
O9A COA F . -34.21 13.88 5.68
C4B COA F . -30.88 11.96 7.98
O4B COA F . -29.70 11.32 7.53
C5B COA F . -30.98 11.69 9.45
O5B COA F . -31.14 10.30 9.58
P1A COA F . -31.88 9.72 10.82
O1A COA F . -32.20 8.32 10.53
O2A COA F . -32.86 10.71 11.24
O3A COA F . -30.75 9.80 11.93
P2A COA F . -29.68 8.68 12.12
O4A COA F . -29.85 7.57 11.17
O5A COA F . -29.73 8.40 13.55
O6A COA F . -28.38 9.52 11.82
CBP COA F . -26.46 9.18 10.55
CCP COA F . -27.07 8.95 11.89
CDP COA F . -25.78 10.15 11.50
CEP COA F . -25.10 9.36 9.92
CAP COA F . -26.44 7.65 10.69
OAP COA F . -27.25 7.14 9.65
C9P COA F . -25.14 6.86 10.84
O9P COA F . -24.47 6.90 11.83
N8P COA F . -24.77 6.12 9.83
C7P COA F . -23.47 5.59 9.69
C6P COA F . -22.67 6.43 8.75
C5P COA F . -21.81 5.46 8.01
O5P COA F . -22.22 4.91 7.04
N4P COA F . -20.61 5.27 8.50
C3P COA F . -19.84 4.14 8.10
C2P COA F . -18.86 4.67 7.09
S1P COA F . -18.63 6.43 6.80
S1P COA F . -17.69 4.99 5.77
#